data_7SWU
#
_entry.id   7SWU
#
_cell.length_a   71.825
_cell.length_b   83.742
_cell.length_c   88.469
_cell.angle_alpha   90
_cell.angle_beta   96.81
_cell.angle_gamma   90
#
_symmetry.space_group_name_H-M   'P 1 21 1'
#
loop_
_entity.id
_entity.type
_entity.pdbx_description
1 polymer 'Chromoprotein spisPINK'
2 water water
#
_entity_poly.entity_id   1
_entity_poly.type   'polypeptide(L)'
_entity_poly.pdbx_seq_one_letter_code
;MSHSKQALADTMKMTWLMEGSVNGHAFTIEGEGTGKPYEGKQSGTFRVTKGGPLPFAFDIVAPTL(CIV)FKCFMKYPAD
IPDYFKLAFPEGLTYDRKIAFEDGGCATATVEMSLKGNTLVHKTNFQGGNFPIDGPVMQKRTLGWEPTSEKMTPCDGIIK
GDTIMYLMVEGGKTLKCRYENNYRANKPVLMPPSHFVDLRLTRTNLDKEGLAFKLEEYAVARVLEV
;
_entity_poly.pdbx_strand_id   A,B,C,D
#
# COMPACT_ATOMS: atom_id res chain seq x y z
N GLN A 6 -10.62 23.88 -33.50
CA GLN A 6 -9.67 23.16 -32.65
C GLN A 6 -8.98 24.10 -31.66
N ALA A 7 -9.05 23.84 -30.33
CA ALA A 7 -8.28 24.66 -29.38
C ALA A 7 -6.77 24.35 -29.57
N LEU A 8 -6.43 23.09 -29.88
CA LEU A 8 -5.06 22.67 -30.12
C LEU A 8 -4.79 22.50 -31.61
N ALA A 9 -3.71 23.08 -32.11
CA ALA A 9 -3.31 22.97 -33.51
C ALA A 9 -2.64 21.58 -33.78
N ASP A 10 -2.42 21.23 -35.05
CA ASP A 10 -1.76 19.97 -35.41
C ASP A 10 -0.34 19.88 -34.85
N THR A 11 0.36 21.02 -34.71
CA THR A 11 1.67 21.09 -34.09
C THR A 11 1.59 22.15 -33.00
N MET A 12 2.12 21.84 -31.81
CA MET A 12 2.12 22.76 -30.70
C MET A 12 3.51 22.84 -30.07
N LYS A 13 3.81 23.97 -29.44
CA LYS A 13 5.01 24.13 -28.65
C LYS A 13 4.62 23.87 -27.19
N MET A 14 5.59 23.46 -26.39
CA MET A 14 5.37 23.24 -24.95
C MET A 14 6.49 23.79 -24.12
N THR A 15 6.17 24.12 -22.86
CA THR A 15 7.17 24.46 -21.87
C THR A 15 6.85 23.68 -20.60
N TRP A 16 7.87 23.37 -19.82
CA TRP A 16 7.73 22.69 -18.55
C TRP A 16 8.49 23.42 -17.47
N LEU A 17 7.91 23.44 -16.28
CA LEU A 17 8.58 23.91 -15.07
C LEU A 17 8.19 22.91 -14.01
N MET A 18 9.17 22.19 -13.44
CA MET A 18 8.90 21.22 -12.40
C MET A 18 9.77 21.59 -11.21
N GLU A 19 9.17 21.68 -10.02
CA GLU A 19 9.90 21.96 -8.80
C GLU A 19 9.53 20.86 -7.83
N GLY A 20 10.46 20.50 -6.97
CA GLY A 20 10.16 19.50 -5.97
C GLY A 20 11.33 19.10 -5.13
N SER A 21 11.15 18.00 -4.40
N SER A 21 11.16 17.99 -4.45
CA SER A 21 12.20 17.44 -3.55
CA SER A 21 12.17 17.43 -3.60
C SER A 21 12.05 15.93 -3.55
C SER A 21 12.05 15.92 -3.63
N VAL A 22 13.18 15.21 -3.48
CA VAL A 22 13.19 13.75 -3.41
C VAL A 22 14.15 13.39 -2.27
N ASN A 23 13.64 12.69 -1.22
CA ASN A 23 14.45 12.36 -0.04
C ASN A 23 15.10 13.64 0.57
N GLY A 24 14.36 14.74 0.54
CA GLY A 24 14.83 16.01 1.08
C GLY A 24 15.68 16.85 0.16
N HIS A 25 16.02 16.33 -1.04
CA HIS A 25 16.85 17.08 -1.98
C HIS A 25 16.00 17.90 -2.94
N ALA A 26 16.10 19.24 -2.86
CA ALA A 26 15.32 20.10 -3.72
C ALA A 26 15.90 20.18 -5.12
N PHE A 27 15.03 20.33 -6.10
CA PHE A 27 15.46 20.45 -7.49
C PHE A 27 14.45 21.21 -8.32
N THR A 28 14.90 21.72 -9.47
CA THR A 28 14.05 22.37 -10.46
C THR A 28 14.49 21.86 -11.82
N ILE A 29 13.50 21.56 -12.67
CA ILE A 29 13.72 21.14 -14.04
C ILE A 29 12.93 22.08 -14.94
N GLU A 30 13.54 22.54 -16.03
CA GLU A 30 12.84 23.37 -17.02
C GLU A 30 12.97 22.67 -18.35
N GLY A 31 11.96 22.80 -19.19
CA GLY A 31 11.99 22.18 -20.50
C GLY A 31 11.21 22.93 -21.55
N GLU A 32 11.54 22.65 -22.81
N GLU A 32 11.53 22.64 -22.81
CA GLU A 32 10.85 23.19 -23.98
CA GLU A 32 10.85 23.19 -23.96
C GLU A 32 10.73 22.07 -25.00
C GLU A 32 10.74 22.07 -25.01
N GLY A 33 9.64 22.04 -25.75
CA GLY A 33 9.44 21.00 -26.74
C GLY A 33 8.40 21.31 -27.77
N THR A 34 8.12 20.28 -28.57
CA THR A 34 7.17 20.34 -29.67
C THR A 34 6.44 19.02 -29.73
N GLY A 35 5.18 19.08 -30.10
CA GLY A 35 4.37 17.88 -30.20
C GLY A 35 3.25 17.99 -31.20
N LYS A 36 2.69 16.84 -31.56
CA LYS A 36 1.59 16.71 -32.51
C LYS A 36 0.48 16.05 -31.72
N PRO A 37 -0.42 16.87 -31.12
CA PRO A 37 -1.43 16.31 -30.22
C PRO A 37 -2.28 15.18 -30.78
N TYR A 38 -2.74 15.32 -32.02
CA TYR A 38 -3.62 14.30 -32.61
C TYR A 38 -2.89 13.07 -33.07
N GLU A 39 -1.57 13.16 -33.34
CA GLU A 39 -0.78 11.98 -33.68
C GLU A 39 -0.29 11.23 -32.43
N GLY A 40 -0.46 11.82 -31.24
CA GLY A 40 -0.02 11.22 -29.99
C GLY A 40 1.48 11.25 -29.79
N LYS A 41 2.18 12.22 -30.41
CA LYS A 41 3.64 12.27 -30.34
C LYS A 41 4.09 13.56 -29.73
N GLN A 42 5.15 13.49 -28.93
CA GLN A 42 5.71 14.68 -28.30
C GLN A 42 7.16 14.46 -27.96
N SER A 43 7.91 15.55 -27.90
CA SER A 43 9.28 15.49 -27.44
C SER A 43 9.65 16.78 -26.75
N GLY A 44 10.67 16.71 -25.92
CA GLY A 44 11.14 17.89 -25.22
C GLY A 44 12.57 17.73 -24.77
N THR A 45 13.21 18.88 -24.55
CA THR A 45 14.57 18.96 -24.05
CA THR A 45 14.58 18.97 -24.05
C THR A 45 14.48 19.60 -22.66
N PHE A 46 15.14 19.00 -21.69
CA PHE A 46 15.08 19.42 -20.30
C PHE A 46 16.44 19.73 -19.73
N ARG A 47 16.47 20.63 -18.76
CA ARG A 47 17.67 21.03 -18.05
C ARG A 47 17.37 21.00 -16.55
N VAL A 48 18.29 20.45 -15.75
CA VAL A 48 18.16 20.47 -14.30
C VAL A 48 18.75 21.83 -13.92
N THR A 49 17.91 22.83 -13.67
CA THR A 49 18.39 24.19 -13.41
C THR A 49 18.75 24.48 -11.96
N LYS A 50 18.26 23.67 -11.01
CA LYS A 50 18.60 23.77 -9.59
C LYS A 50 18.69 22.36 -9.02
N GLY A 51 19.68 22.12 -8.15
CA GLY A 51 19.85 20.84 -7.51
C GLY A 51 20.51 19.75 -8.33
N GLY A 52 21.11 20.10 -9.46
CA GLY A 52 21.77 19.13 -10.32
C GLY A 52 23.28 19.08 -10.08
N PRO A 53 23.95 17.95 -10.40
CA PRO A 53 23.39 16.67 -10.85
C PRO A 53 22.49 16.10 -9.76
N LEU A 54 21.35 15.51 -10.17
CA LEU A 54 20.40 15.01 -9.19
C LEU A 54 21.00 13.81 -8.46
N PRO A 55 20.77 13.69 -7.14
CA PRO A 55 21.21 12.49 -6.41
C PRO A 55 20.27 11.28 -6.60
N PHE A 56 19.24 11.41 -7.46
CA PHE A 56 18.28 10.35 -7.75
C PHE A 56 18.12 10.23 -9.27
N ALA A 57 17.57 9.10 -9.71
CA ALA A 57 17.35 8.85 -11.13
C ALA A 57 16.35 9.82 -11.72
N PHE A 58 16.76 10.55 -12.78
CA PHE A 58 15.84 11.42 -13.51
C PHE A 58 14.60 10.64 -14.03
N ASP A 59 14.77 9.33 -14.29
CA ASP A 59 13.65 8.51 -14.73
C ASP A 59 12.42 8.62 -13.81
N ILE A 60 12.58 8.85 -12.49
CA ILE A 60 11.39 8.88 -11.61
C ILE A 60 10.47 10.07 -11.90
N VAL A 61 11.00 11.17 -12.50
CA VAL A 61 10.15 12.31 -12.84
C VAL A 61 9.75 12.32 -14.32
N ALA A 62 10.41 11.51 -15.18
CA ALA A 62 10.14 11.57 -16.61
C ALA A 62 8.67 11.29 -16.99
N PRO A 63 7.99 10.26 -16.43
CA PRO A 63 6.57 10.06 -16.78
C PRO A 63 5.66 11.18 -16.26
N THR A 64 6.13 12.02 -15.30
CA THR A 64 5.31 13.15 -14.83
C THR A 64 5.55 14.37 -15.73
N LEU A 65 6.70 14.45 -16.43
CA LEU A 65 6.88 15.48 -17.45
C LEU A 65 6.02 15.05 -18.65
N PHE A 67 1.81 14.52 -20.10
CA PHE A 67 1.24 15.64 -20.89
C PHE A 67 0.13 15.02 -21.73
N LYS A 68 -1.03 14.82 -21.09
CA LYS A 68 -2.07 13.91 -21.55
C LYS A 68 -2.84 14.30 -22.79
N CYS A 69 -2.72 15.57 -23.24
CA CYS A 69 -3.39 15.94 -24.51
C CYS A 69 -2.59 15.43 -25.74
N PHE A 70 -1.42 14.76 -25.54
CA PHE A 70 -0.66 14.15 -26.65
C PHE A 70 -0.98 12.65 -26.71
N MET A 71 -2.10 12.31 -27.32
CA MET A 71 -2.56 10.91 -27.47
C MET A 71 -3.31 10.79 -28.78
N LYS A 72 -3.12 9.66 -29.46
CA LYS A 72 -3.85 9.39 -30.68
C LYS A 72 -5.12 8.68 -30.28
N TYR A 73 -6.29 9.29 -30.56
CA TYR A 73 -7.59 8.67 -30.26
C TYR A 73 -8.31 8.41 -31.56
N PRO A 74 -8.99 7.27 -31.70
CA PRO A 74 -9.88 7.11 -32.87
C PRO A 74 -11.07 8.07 -32.71
N ALA A 75 -11.70 8.46 -33.84
CA ALA A 75 -12.79 9.42 -33.82
C ALA A 75 -14.00 9.00 -32.99
N ASP A 76 -14.21 7.69 -32.79
CA ASP A 76 -15.38 7.21 -32.04
C ASP A 76 -15.14 7.07 -30.52
N ILE A 77 -14.02 7.63 -30.00
CA ILE A 77 -13.78 7.64 -28.56
C ILE A 77 -13.53 9.10 -28.16
N PRO A 78 -14.37 9.70 -27.29
CA PRO A 78 -14.11 11.08 -26.85
C PRO A 78 -12.73 11.23 -26.20
N ASP A 79 -12.05 12.32 -26.51
CA ASP A 79 -10.71 12.62 -26.01
C ASP A 79 -10.83 13.64 -24.90
N TYR A 80 -11.03 13.15 -23.67
CA TYR A 80 -11.20 13.99 -22.49
C TYR A 80 -10.10 15.06 -22.33
N PHE A 81 -8.87 14.67 -22.62
CA PHE A 81 -7.71 15.51 -22.40
C PHE A 81 -7.64 16.68 -23.37
N LYS A 82 -8.11 16.51 -24.61
CA LYS A 82 -8.16 17.63 -25.56
C LYS A 82 -9.45 18.44 -25.32
N LEU A 83 -10.57 17.77 -25.00
CA LEU A 83 -11.83 18.49 -24.71
C LEU A 83 -11.68 19.44 -23.50
N ALA A 84 -10.69 19.19 -22.63
CA ALA A 84 -10.42 20.05 -21.49
C ALA A 84 -9.88 21.42 -21.91
N PHE A 85 -9.34 21.56 -23.14
CA PHE A 85 -8.79 22.83 -23.63
C PHE A 85 -9.87 23.65 -24.34
N PRO A 86 -9.76 24.99 -24.31
CA PRO A 86 -8.64 25.81 -23.79
C PRO A 86 -8.52 26.01 -22.29
N GLU A 87 -9.52 25.63 -21.50
CA GLU A 87 -9.51 25.91 -20.06
C GLU A 87 -8.38 25.21 -19.30
N GLY A 88 -8.00 24.02 -19.77
CA GLY A 88 -6.88 23.27 -19.22
C GLY A 88 -7.28 22.11 -18.34
N LEU A 89 -6.28 21.45 -17.80
CA LEU A 89 -6.48 20.27 -16.99
C LEU A 89 -5.51 20.28 -15.83
N THR A 90 -5.95 19.82 -14.65
CA THR A 90 -5.06 19.67 -13.50
C THR A 90 -5.19 18.24 -13.04
N TYR A 91 -4.08 17.64 -12.61
CA TYR A 91 -4.16 16.28 -12.10
C TYR A 91 -3.27 16.04 -10.92
N ASP A 92 -3.68 15.08 -10.08
CA ASP A 92 -2.85 14.65 -8.98
C ASP A 92 -2.41 13.21 -9.30
N ARG A 93 -1.27 12.83 -8.75
CA ARG A 93 -0.69 11.53 -9.08
C ARG A 93 0.01 10.96 -7.87
N LYS A 94 -0.21 9.66 -7.63
CA LYS A 94 0.45 8.91 -6.56
C LYS A 94 1.35 7.92 -7.30
N ILE A 95 2.62 7.87 -6.92
CA ILE A 95 3.61 7.00 -7.52
C ILE A 95 4.11 6.13 -6.40
N ALA A 96 4.02 4.81 -6.58
CA ALA A 96 4.45 3.90 -5.51
C ALA A 96 5.30 2.80 -6.08
N PHE A 97 6.57 2.74 -5.67
CA PHE A 97 7.48 1.70 -6.12
C PHE A 97 7.41 0.49 -5.19
N GLU A 98 7.70 -0.69 -5.74
CA GLU A 98 7.62 -1.91 -4.92
C GLU A 98 8.60 -1.97 -3.76
N ASP A 99 9.65 -1.13 -3.75
CA ASP A 99 10.61 -1.12 -2.65
C ASP A 99 10.32 -0.01 -1.60
N GLY A 100 9.16 0.62 -1.67
CA GLY A 100 8.75 1.60 -0.68
C GLY A 100 8.96 3.05 -1.09
N GLY A 101 9.74 3.31 -2.14
CA GLY A 101 9.89 4.67 -2.67
C GLY A 101 8.54 5.18 -3.12
N CYS A 102 8.22 6.44 -2.85
CA CYS A 102 6.91 6.97 -3.21
CA CYS A 102 6.90 6.98 -3.18
C CYS A 102 6.98 8.43 -3.54
N ALA A 103 6.01 8.91 -4.31
CA ALA A 103 5.92 10.32 -4.61
C ALA A 103 4.49 10.72 -4.86
N THR A 104 4.20 11.99 -4.63
CA THR A 104 2.91 12.56 -4.98
C THR A 104 3.22 13.81 -5.80
N ALA A 105 2.49 14.01 -6.90
CA ALA A 105 2.72 15.18 -7.74
C ALA A 105 1.42 15.82 -8.14
N THR A 106 1.44 17.12 -8.36
CA THR A 106 0.28 17.86 -8.87
C THR A 106 0.78 18.57 -10.11
N VAL A 107 0.06 18.37 -11.22
CA VAL A 107 0.43 18.98 -12.50
C VAL A 107 -0.70 19.85 -12.99
N GLU A 108 -0.36 21.03 -13.51
N GLU A 108 -0.36 21.04 -13.51
CA GLU A 108 -1.33 21.90 -14.15
CA GLU A 108 -1.32 21.98 -14.10
C GLU A 108 -0.90 22.03 -15.59
C GLU A 108 -0.94 22.19 -15.57
N MET A 109 -1.82 21.81 -16.52
CA MET A 109 -1.59 21.98 -17.95
C MET A 109 -2.51 23.12 -18.38
N SER A 110 -1.93 24.16 -18.95
CA SER A 110 -2.66 25.33 -19.43
C SER A 110 -2.26 25.67 -20.86
N LEU A 111 -3.01 26.55 -21.51
CA LEU A 111 -2.75 26.92 -22.89
C LEU A 111 -2.61 28.43 -22.99
N LYS A 112 -1.49 28.87 -23.61
CA LYS A 112 -1.16 30.27 -23.85
C LYS A 112 -0.81 30.39 -25.32
N GLY A 113 -1.78 30.77 -26.14
CA GLY A 113 -1.56 30.92 -27.57
C GLY A 113 -1.22 29.62 -28.24
N ASN A 114 -0.05 29.57 -28.84
CA ASN A 114 0.40 28.36 -29.53
C ASN A 114 1.19 27.44 -28.55
N THR A 115 1.28 27.78 -27.23
CA THR A 115 2.10 27.04 -26.28
C THR A 115 1.31 26.39 -25.16
N LEU A 116 1.54 25.09 -24.94
CA LEU A 116 0.95 24.36 -23.83
C LEU A 116 1.97 24.44 -22.69
N VAL A 117 1.52 24.88 -21.51
CA VAL A 117 2.38 25.13 -20.36
C VAL A 117 2.11 24.06 -19.31
N HIS A 118 3.16 23.40 -18.85
CA HIS A 118 3.08 22.29 -17.91
C HIS A 118 3.83 22.71 -16.65
N LYS A 119 3.15 22.74 -15.49
CA LYS A 119 3.75 23.14 -14.22
C LYS A 119 3.54 22.03 -13.22
N THR A 120 4.61 21.59 -12.54
CA THR A 120 4.49 20.49 -11.58
C THR A 120 5.17 20.76 -10.27
N ASN A 121 4.59 20.25 -9.20
N ASN A 121 4.61 20.18 -9.18
CA ASN A 121 5.27 20.18 -7.93
CA ASN A 121 5.18 20.18 -7.84
C ASN A 121 5.32 18.68 -7.64
C ASN A 121 5.30 18.70 -7.49
N PHE A 122 6.54 18.16 -7.44
CA PHE A 122 6.78 16.73 -7.25
C PHE A 122 7.45 16.49 -5.90
N GLN A 123 6.78 15.76 -5.00
CA GLN A 123 7.37 15.46 -3.69
C GLN A 123 7.58 13.97 -3.57
N GLY A 124 8.83 13.56 -3.41
CA GLY A 124 9.19 12.15 -3.32
C GLY A 124 9.93 11.84 -2.03
N GLY A 125 9.73 10.66 -1.52
CA GLY A 125 10.40 10.26 -0.29
C GLY A 125 10.44 8.77 -0.09
N ASN A 126 11.15 8.38 0.96
CA ASN A 126 11.27 6.98 1.34
C ASN A 126 11.96 6.12 0.29
N PHE A 127 12.79 6.73 -0.58
CA PHE A 127 13.53 5.93 -1.54
C PHE A 127 14.71 5.29 -0.79
N PRO A 128 14.89 3.96 -0.89
CA PRO A 128 16.01 3.32 -0.18
C PRO A 128 17.36 3.87 -0.63
N ILE A 129 18.27 4.15 0.33
CA ILE A 129 19.57 4.72 -0.02
C ILE A 129 20.39 3.86 -0.99
N ASP A 130 20.27 2.52 -0.86
N ASP A 130 20.25 2.53 -0.88
CA ASP A 130 20.98 1.58 -1.74
CA ASP A 130 20.98 1.61 -1.76
C ASP A 130 20.11 1.04 -2.90
C ASP A 130 20.11 1.05 -2.91
N GLY A 131 18.93 1.62 -3.13
CA GLY A 131 18.05 1.18 -4.20
C GLY A 131 18.46 1.76 -5.53
N PRO A 132 17.85 1.27 -6.63
CA PRO A 132 18.25 1.77 -7.97
C PRO A 132 17.99 3.24 -8.20
N VAL A 133 16.96 3.79 -7.55
CA VAL A 133 16.66 5.21 -7.77
C VAL A 133 17.76 6.10 -7.18
N MET A 134 18.10 5.91 -5.89
CA MET A 134 19.12 6.75 -5.26
C MET A 134 20.54 6.43 -5.73
N GLN A 135 20.77 5.22 -6.23
CA GLN A 135 22.08 4.87 -6.78
C GLN A 135 22.15 5.16 -8.30
N LYS A 136 21.05 5.69 -8.92
CA LYS A 136 21.02 6.05 -10.34
C LYS A 136 21.46 4.88 -11.22
N ARG A 137 20.86 3.73 -10.98
CA ARG A 137 21.12 2.52 -11.75
C ARG A 137 19.93 2.20 -12.66
N THR A 138 19.14 3.21 -13.09
CA THR A 138 17.96 2.95 -13.91
C THR A 138 18.27 3.20 -15.40
N LEU A 139 17.47 2.58 -16.27
CA LEU A 139 17.69 2.56 -17.72
C LEU A 139 16.41 2.81 -18.51
N GLY A 140 15.56 3.68 -18.00
CA GLY A 140 14.31 4.03 -18.67
C GLY A 140 13.19 3.08 -18.34
N TRP A 141 11.97 3.45 -18.78
CA TRP A 141 10.77 2.71 -18.46
C TRP A 141 10.33 1.79 -19.58
N GLU A 142 9.94 0.57 -19.23
CA GLU A 142 9.40 -0.36 -20.22
C GLU A 142 8.00 0.17 -20.67
N PRO A 143 7.64 0.09 -21.96
CA PRO A 143 6.29 0.52 -22.38
C PRO A 143 5.19 -0.22 -21.63
N THR A 144 4.06 0.44 -21.47
CA THR A 144 2.94 -0.18 -20.76
C THR A 144 1.59 0.40 -21.28
N SER A 145 0.49 0.11 -20.58
CA SER A 145 -0.80 0.60 -20.94
C SER A 145 -1.47 1.18 -19.70
N GLU A 146 -1.95 2.43 -19.80
CA GLU A 146 -2.62 3.12 -18.72
C GLU A 146 -4.14 2.86 -18.81
N LYS A 147 -4.74 2.35 -17.75
CA LYS A 147 -6.19 2.16 -17.74
C LYS A 147 -6.81 3.53 -17.50
N MET A 148 -7.84 3.89 -18.29
CA MET A 148 -8.55 5.16 -18.16
C MET A 148 -9.99 4.83 -17.79
N THR A 149 -10.42 5.24 -16.59
CA THR A 149 -11.75 4.90 -16.09
C THR A 149 -12.52 6.18 -15.77
N PRO A 150 -13.59 6.50 -16.50
CA PRO A 150 -14.34 7.71 -16.18
C PRO A 150 -15.11 7.56 -14.89
N CYS A 151 -15.13 8.60 -14.07
N CYS A 151 -15.06 8.57 -14.00
CA CYS A 151 -15.85 8.54 -12.80
CA CYS A 151 -15.73 8.54 -12.71
C CYS A 151 -16.12 9.92 -12.27
C CYS A 151 -16.10 9.96 -12.30
N ASP A 152 -17.39 10.28 -12.09
CA ASP A 152 -17.78 11.59 -11.55
C ASP A 152 -17.10 12.82 -12.23
N GLY A 153 -17.04 12.82 -13.55
CA GLY A 153 -16.45 13.92 -14.29
C GLY A 153 -14.93 13.95 -14.33
N ILE A 154 -14.25 12.96 -13.71
CA ILE A 154 -12.81 12.88 -13.79
C ILE A 154 -12.43 11.59 -14.52
N ILE A 155 -11.20 11.51 -14.98
CA ILE A 155 -10.69 10.25 -15.53
C ILE A 155 -9.68 9.74 -14.51
N LYS A 156 -9.89 8.52 -14.03
CA LYS A 156 -8.91 7.89 -13.16
C LYS A 156 -7.96 7.15 -14.08
N GLY A 157 -6.67 7.40 -13.94
CA GLY A 157 -5.64 6.69 -14.70
C GLY A 157 -4.99 5.70 -13.75
N ASP A 158 -4.80 4.44 -14.16
CA ASP A 158 -4.19 3.44 -13.30
C ASP A 158 -3.21 2.66 -14.13
N THR A 159 -1.94 2.62 -13.70
CA THR A 159 -0.91 1.97 -14.49
C THR A 159 0.06 1.20 -13.64
N ILE A 160 0.54 0.09 -14.17
CA ILE A 160 1.66 -0.64 -13.60
C ILE A 160 2.77 -0.50 -14.64
N MET A 161 3.90 0.08 -14.22
CA MET A 161 4.99 0.40 -15.14
C MET A 161 6.28 -0.10 -14.51
N TYR A 162 7.12 -0.79 -15.29
CA TYR A 162 8.37 -1.31 -14.79
C TYR A 162 9.52 -0.41 -15.22
N LEU A 163 10.34 -0.03 -14.24
CA LEU A 163 11.54 0.79 -14.48
C LEU A 163 12.70 -0.19 -14.68
N MET A 164 13.44 -0.05 -15.78
N MET A 164 13.42 -0.09 -15.81
CA MET A 164 14.55 -0.97 -16.06
CA MET A 164 14.54 -1.00 -16.06
C MET A 164 15.74 -0.62 -15.19
C MET A 164 15.72 -0.62 -15.19
N VAL A 165 16.45 -1.63 -14.69
CA VAL A 165 17.58 -1.43 -13.79
C VAL A 165 18.78 -2.14 -14.36
N GLU A 166 19.97 -1.58 -14.12
CA GLU A 166 21.24 -2.18 -14.58
C GLU A 166 21.37 -3.63 -14.11
N GLY A 167 21.93 -4.48 -14.96
CA GLY A 167 22.10 -5.89 -14.61
C GLY A 167 20.91 -6.79 -14.90
N GLY A 168 20.04 -6.35 -15.83
CA GLY A 168 18.89 -7.15 -16.22
C GLY A 168 17.80 -7.24 -15.17
N LYS A 169 17.70 -6.20 -14.33
CA LYS A 169 16.71 -6.15 -13.26
C LYS A 169 15.61 -5.13 -13.59
N THR A 170 14.53 -5.13 -12.78
CA THR A 170 13.42 -4.17 -12.95
C THR A 170 12.96 -3.72 -11.56
N LEU A 171 12.22 -2.61 -11.54
CA LEU A 171 11.62 -2.12 -10.32
C LEU A 171 10.18 -1.75 -10.69
N LYS A 172 9.23 -2.46 -10.13
CA LYS A 172 7.81 -2.22 -10.43
C LYS A 172 7.34 -0.93 -9.77
N CYS A 173 6.44 -0.21 -10.49
CA CYS A 173 5.86 1.02 -10.00
C CYS A 173 4.38 1.02 -10.32
N ARG A 174 3.57 1.57 -9.40
CA ARG A 174 2.16 1.75 -9.63
C ARG A 174 1.89 3.25 -9.67
N TYR A 175 1.11 3.69 -10.66
CA TYR A 175 0.66 5.06 -10.74
C TYR A 175 -0.84 5.07 -10.53
N GLU A 176 -1.33 6.03 -9.72
CA GLU A 176 -2.78 6.25 -9.53
C GLU A 176 -2.94 7.74 -9.83
N ASN A 177 -3.61 8.05 -10.94
CA ASN A 177 -3.74 9.41 -11.45
C ASN A 177 -5.20 9.84 -11.41
N ASN A 178 -5.45 11.12 -11.13
CA ASN A 178 -6.80 11.66 -11.16
C ASN A 178 -6.75 12.88 -12.04
N TYR A 179 -7.27 12.75 -13.27
CA TYR A 179 -7.22 13.83 -14.27
C TYR A 179 -8.51 14.60 -14.20
N ARG A 180 -8.42 15.91 -13.90
CA ARG A 180 -9.59 16.73 -13.67
C ARG A 180 -9.66 17.93 -14.62
N ALA A 181 -10.60 17.87 -15.57
CA ALA A 181 -10.92 19.01 -16.43
C ALA A 181 -11.92 19.92 -15.61
N ASN A 182 -12.27 21.13 -16.08
CA ASN A 182 -13.29 21.92 -15.38
C ASN A 182 -14.71 21.63 -15.95
N LYS A 183 -15.64 21.15 -15.11
CA LYS A 183 -17.05 20.93 -15.51
C LYS A 183 -17.22 20.20 -16.87
N PRO A 184 -16.64 19.00 -17.04
CA PRO A 184 -16.81 18.29 -18.31
C PRO A 184 -18.25 17.83 -18.49
N VAL A 185 -18.70 17.81 -19.74
CA VAL A 185 -20.06 17.37 -20.04
C VAL A 185 -20.08 16.17 -21.01
N LEU A 186 -18.87 15.70 -21.51
CA LEU A 186 -18.69 14.52 -22.34
C LEU A 186 -17.56 13.66 -21.83
N MET A 187 -17.86 12.39 -21.56
CA MET A 187 -16.88 11.47 -21.04
C MET A 187 -16.76 10.28 -21.97
N PRO A 188 -15.54 9.75 -22.08
CA PRO A 188 -15.35 8.54 -22.88
C PRO A 188 -15.79 7.31 -22.10
N PRO A 189 -15.91 6.16 -22.78
CA PRO A 189 -16.06 4.91 -22.04
C PRO A 189 -14.71 4.56 -21.41
N SER A 190 -14.70 3.55 -20.52
CA SER A 190 -13.44 3.04 -19.98
C SER A 190 -12.59 2.51 -21.16
N HIS A 191 -11.30 2.81 -21.13
CA HIS A 191 -10.41 2.41 -22.21
C HIS A 191 -8.98 2.32 -21.69
N PHE A 192 -8.01 2.09 -22.58
CA PHE A 192 -6.59 2.01 -22.22
C PHE A 192 -5.81 2.91 -23.16
N VAL A 193 -4.67 3.40 -22.68
CA VAL A 193 -3.78 4.20 -23.51
C VAL A 193 -2.38 3.59 -23.45
N ASP A 194 -1.94 2.96 -24.55
CA ASP A 194 -0.62 2.36 -24.64
C ASP A 194 0.39 3.46 -24.81
N LEU A 195 1.56 3.37 -24.16
CA LEU A 195 2.57 4.41 -24.37
C LEU A 195 3.99 3.90 -24.25
N ARG A 196 4.89 4.60 -24.96
CA ARG A 196 6.32 4.35 -24.88
C ARG A 196 6.97 5.69 -24.62
N LEU A 197 7.82 5.75 -23.59
CA LEU A 197 8.54 6.96 -23.20
C LEU A 197 10.01 6.62 -23.34
N THR A 198 10.76 7.39 -24.16
CA THR A 198 12.17 7.16 -24.39
C THR A 198 12.97 8.31 -23.83
N ARG A 199 14.02 8.00 -23.05
CA ARG A 199 14.90 9.00 -22.49
C ARG A 199 16.18 9.02 -23.30
N THR A 200 16.63 10.22 -23.71
CA THR A 200 17.93 10.39 -24.36
C THR A 200 18.80 11.26 -23.45
N ASN A 201 19.99 10.78 -23.06
CA ASN A 201 20.89 11.60 -22.28
C ASN A 201 21.53 12.61 -23.20
N LEU A 202 21.56 13.90 -22.82
CA LEU A 202 22.20 14.92 -23.65
C LEU A 202 23.61 15.32 -23.18
N ASP A 203 24.06 14.78 -22.05
CA ASP A 203 25.41 14.99 -21.54
C ASP A 203 25.83 13.73 -20.75
N LYS A 204 27.03 13.74 -20.16
CA LYS A 204 27.48 12.66 -19.29
C LYS A 204 27.17 12.95 -17.81
N GLU A 205 27.08 14.24 -17.42
CA GLU A 205 26.91 14.70 -16.04
C GLU A 205 25.50 14.54 -15.47
N GLY A 206 24.48 14.51 -16.30
CA GLY A 206 23.10 14.33 -15.84
C GLY A 206 22.37 15.63 -15.63
N LEU A 207 22.74 16.69 -16.36
CA LEU A 207 22.04 17.98 -16.26
C LEU A 207 21.09 18.23 -17.42
N ALA A 208 21.12 17.42 -18.50
CA ALA A 208 20.31 17.67 -19.67
C ALA A 208 19.82 16.35 -20.25
N PHE A 209 18.54 16.31 -20.59
CA PHE A 209 17.92 15.11 -21.13
C PHE A 209 16.89 15.49 -22.15
N LYS A 210 16.65 14.58 -23.07
CA LYS A 210 15.55 14.72 -24.02
C LYS A 210 14.60 13.56 -23.74
N LEU A 211 13.31 13.84 -23.85
CA LEU A 211 12.29 12.80 -23.71
C LEU A 211 11.42 12.80 -24.95
N GLU A 212 10.92 11.64 -25.29
CA GLU A 212 10.00 11.46 -26.42
C GLU A 212 8.92 10.49 -25.98
N GLU A 213 7.69 10.73 -26.42
CA GLU A 213 6.61 9.79 -26.07
C GLU A 213 5.65 9.63 -27.21
N TYR A 214 5.12 8.40 -27.33
CA TYR A 214 4.06 8.08 -28.29
C TYR A 214 2.98 7.43 -27.45
N ALA A 215 1.73 7.90 -27.56
CA ALA A 215 0.63 7.33 -26.78
C ALA A 215 -0.57 7.15 -27.69
N VAL A 216 -1.24 5.97 -27.59
CA VAL A 216 -2.38 5.66 -28.44
C VAL A 216 -3.49 4.94 -27.66
N ALA A 217 -4.73 5.43 -27.81
CA ALA A 217 -5.87 4.91 -27.08
C ALA A 217 -6.63 3.81 -27.81
N ARG A 218 -7.20 2.90 -27.02
CA ARG A 218 -8.04 1.85 -27.58
C ARG A 218 -9.05 1.39 -26.52
N VAL A 219 -10.11 0.76 -27.01
CA VAL A 219 -11.07 0.10 -26.14
C VAL A 219 -10.78 -1.39 -26.29
N LEU A 220 -11.06 -2.16 -25.24
CA LEU A 220 -10.87 -3.61 -25.30
C LEU A 220 -11.97 -4.21 -26.18
N GLU A 221 -11.65 -5.31 -26.84
CA GLU A 221 -12.57 -6.08 -27.67
C GLU A 221 -12.89 -7.40 -26.94
N VAL A 222 -13.49 -7.27 -25.74
CA VAL A 222 -13.93 -8.40 -24.91
C VAL A 222 -15.37 -8.10 -24.42
N GLN B 6 23.45 25.16 24.98
CA GLN B 6 22.43 24.48 24.18
C GLN B 6 22.01 25.36 22.99
N ALA B 7 21.80 24.77 21.80
CA ALA B 7 21.37 25.53 20.62
C ALA B 7 19.92 26.03 20.78
N LEU B 8 19.07 25.24 21.45
CA LEU B 8 17.68 25.62 21.70
C LEU B 8 17.48 26.08 23.14
N ALA B 9 16.83 27.23 23.33
CA ALA B 9 16.55 27.76 24.66
C ALA B 9 15.34 27.01 25.30
N ASP B 10 15.07 27.22 26.60
CA ASP B 10 13.94 26.59 27.28
C ASP B 10 12.60 27.01 26.67
N THR B 11 12.51 28.24 26.13
CA THR B 11 11.33 28.72 25.41
C THR B 11 11.82 29.23 24.06
N MET B 12 11.10 28.85 22.99
CA MET B 12 11.44 29.25 21.64
C MET B 12 10.22 29.78 20.91
N LYS B 13 10.44 30.66 19.93
CA LYS B 13 9.39 31.13 19.04
C LYS B 13 9.50 30.29 17.76
N MET B 14 8.38 30.16 17.04
CA MET B 14 8.37 29.42 15.78
C MET B 14 7.54 30.12 14.74
N THR B 15 7.90 29.87 13.45
CA THR B 15 7.11 30.31 12.33
C THR B 15 6.92 29.12 11.40
N TRP B 16 5.80 29.10 10.68
CA TRP B 16 5.50 28.07 9.70
C TRP B 16 5.10 28.71 8.39
N LEU B 17 5.52 28.08 7.30
CA LEU B 17 5.07 28.41 5.96
C LEU B 17 4.84 27.06 5.29
N MET B 18 3.60 26.76 4.91
CA MET B 18 3.30 25.50 4.23
C MET B 18 2.61 25.85 2.93
N GLU B 19 3.08 25.26 1.83
CA GLU B 19 2.47 25.46 0.52
C GLU B 19 2.21 24.09 -0.02
N GLY B 20 1.14 23.97 -0.80
CA GLY B 20 0.86 22.68 -1.41
C GLY B 20 -0.42 22.64 -2.17
N SER B 21 -0.84 21.42 -2.51
N SER B 21 -0.84 21.43 -2.46
CA SER B 21 -2.08 21.18 -3.23
CA SER B 21 -2.08 21.18 -3.17
C SER B 21 -2.66 19.88 -2.75
C SER B 21 -2.68 19.89 -2.66
N VAL B 22 -4.01 19.79 -2.68
CA VAL B 22 -4.71 18.56 -2.30
C VAL B 22 -5.80 18.36 -3.35
N ASN B 23 -5.79 17.22 -4.07
CA ASN B 23 -6.73 16.96 -5.15
C ASN B 23 -6.76 18.13 -6.18
N GLY B 24 -5.57 18.69 -6.45
CA GLY B 24 -5.43 19.79 -7.39
C GLY B 24 -5.73 21.18 -6.85
N HIS B 25 -6.16 21.28 -5.58
CA HIS B 25 -6.48 22.58 -4.98
C HIS B 25 -5.26 23.15 -4.27
N ALA B 26 -4.73 24.28 -4.76
CA ALA B 26 -3.57 24.91 -4.15
C ALA B 26 -3.94 25.69 -2.89
N PHE B 27 -3.01 25.70 -1.93
CA PHE B 27 -3.23 26.42 -0.69
C PHE B 27 -1.92 26.83 -0.05
N THR B 28 -1.99 27.84 0.83
CA THR B 28 -0.85 28.28 1.63
C THR B 28 -1.36 28.47 3.04
N ILE B 29 -0.56 28.03 4.02
CA ILE B 29 -0.86 28.22 5.44
C ILE B 29 0.37 28.89 6.06
N GLU B 30 0.14 29.90 6.90
CA GLU B 30 1.21 30.57 7.63
C GLU B 30 0.88 30.46 9.11
N GLY B 31 1.90 30.39 9.93
CA GLY B 31 1.69 30.29 11.36
C GLY B 31 2.81 30.84 12.19
N GLU B 32 2.49 31.14 13.46
N GLU B 32 2.50 31.11 13.45
CA GLU B 32 3.45 31.63 14.44
CA GLU B 32 3.45 31.63 14.43
C GLU B 32 3.10 30.97 15.76
C GLU B 32 3.10 30.99 15.77
N GLY B 33 4.12 30.68 16.57
CA GLY B 33 3.88 30.03 17.85
C GLY B 33 5.02 30.12 18.82
N THR B 34 4.85 29.39 19.91
CA THR B 34 5.80 29.33 21.01
C THR B 34 5.84 27.91 21.52
N GLY B 35 7.02 27.47 21.94
CA GLY B 35 7.15 26.13 22.49
C GLY B 35 8.26 26.00 23.51
N LYS B 36 8.25 24.90 24.25
CA LYS B 36 9.22 24.58 25.28
C LYS B 36 9.83 23.26 24.82
N PRO B 37 10.96 23.34 24.07
CA PRO B 37 11.51 22.13 23.46
C PRO B 37 11.78 20.96 24.41
N TYR B 38 12.33 21.24 25.59
CA TYR B 38 12.70 20.18 26.53
C TYR B 38 11.50 19.63 27.29
N GLU B 39 10.42 20.42 27.42
CA GLU B 39 9.19 19.93 28.04
C GLU B 39 8.31 19.13 27.04
N GLY B 40 8.64 19.16 25.75
CA GLY B 40 7.84 18.47 24.74
C GLY B 40 6.54 19.16 24.42
N LYS B 41 6.43 20.48 24.65
CA LYS B 41 5.17 21.19 24.43
C LYS B 41 5.33 22.28 23.41
N GLN B 42 4.31 22.48 22.59
CA GLN B 42 4.31 23.53 21.59
C GLN B 42 2.91 23.92 21.22
N SER B 43 2.77 25.17 20.78
CA SER B 43 1.49 25.62 20.25
C SER B 43 1.71 26.64 19.16
N GLY B 44 0.72 26.79 18.30
CA GLY B 44 0.80 27.79 17.25
C GLY B 44 -0.56 28.20 16.75
N THR B 45 -0.61 29.36 16.14
CA THR B 45 -1.80 29.91 15.53
CA THR B 45 -1.81 29.92 15.52
C THR B 45 -1.55 29.96 14.04
N PHE B 46 -2.50 29.50 13.24
CA PHE B 46 -2.37 29.38 11.80
C PHE B 46 -3.46 30.08 11.05
N ARG B 47 -3.12 30.54 9.84
CA ARG B 47 -4.05 31.22 8.96
C ARG B 47 -3.92 30.59 7.58
N VAL B 48 -5.05 30.32 6.91
CA VAL B 48 -5.04 29.83 5.54
C VAL B 48 -4.97 31.12 4.71
N THR B 49 -3.76 31.47 4.22
CA THR B 49 -3.57 32.74 3.52
C THR B 49 -3.86 32.69 2.02
N LYS B 50 -3.89 31.49 1.43
CA LYS B 50 -4.26 31.31 0.02
C LYS B 50 -5.05 30.00 -0.09
N GLY B 51 -6.09 30.00 -0.93
CA GLY B 51 -6.90 28.82 -1.16
C GLY B 51 -7.92 28.48 -0.09
N GLY B 52 -8.20 29.43 0.83
CA GLY B 52 -9.17 29.21 1.89
C GLY B 52 -10.54 29.79 1.58
N PRO B 53 -11.64 29.27 2.18
CA PRO B 53 -11.69 28.08 3.03
C PRO B 53 -11.26 26.85 2.25
N LEU B 54 -10.51 25.96 2.90
CA LEU B 54 -10.00 24.79 2.23
C LEU B 54 -11.13 23.85 1.84
N PRO B 55 -11.09 23.24 0.64
CA PRO B 55 -12.11 22.25 0.28
C PRO B 55 -11.82 20.86 0.89
N PHE B 56 -10.81 20.75 1.78
CA PHE B 56 -10.45 19.50 2.46
C PHE B 56 -10.23 19.81 3.95
N ALA B 57 -10.24 18.74 4.75
CA ALA B 57 -10.06 18.87 6.19
C ALA B 57 -8.67 19.38 6.54
N PHE B 58 -8.58 20.52 7.25
CA PHE B 58 -7.31 21.04 7.77
C PHE B 58 -6.55 19.97 8.59
N ASP B 59 -7.29 19.06 9.25
CA ASP B 59 -6.66 17.99 10.01
C ASP B 59 -5.59 17.20 9.21
N ILE B 60 -5.75 17.06 7.86
CA ILE B 60 -4.76 16.25 7.12
C ILE B 60 -3.38 16.90 7.09
N VAL B 61 -3.27 18.22 7.29
CA VAL B 61 -1.96 18.87 7.33
C VAL B 61 -1.48 19.15 8.75
N ALA B 62 -2.37 19.07 9.78
CA ALA B 62 -1.98 19.44 11.13
C ALA B 62 -0.80 18.62 11.70
N PRO B 63 -0.73 17.28 11.53
CA PRO B 63 0.45 16.56 12.03
C PRO B 63 1.74 16.88 11.26
N THR B 64 1.64 17.49 10.06
CA THR B 64 2.85 17.90 9.34
C THR B 64 3.29 19.30 9.78
N LEU B 65 2.37 20.13 10.32
CA LEU B 65 2.78 21.38 10.96
C LEU B 65 3.43 21.00 12.30
N PHE B 67 7.00 19.03 14.17
CA PHE B 67 8.08 19.92 14.61
C PHE B 67 8.85 19.16 15.69
N LYS B 68 9.71 18.25 15.24
CA LYS B 68 10.23 17.16 16.04
C LYS B 68 11.20 17.52 17.16
N CYS B 69 11.71 18.74 17.21
CA CYS B 69 12.58 19.14 18.32
C CYS B 69 11.74 19.47 19.60
N PHE B 70 10.38 19.39 19.53
CA PHE B 70 9.53 19.58 20.71
C PHE B 70 9.10 18.22 21.24
N MET B 71 9.98 17.58 21.99
CA MET B 71 9.74 16.28 22.63
C MET B 71 10.43 16.24 23.95
N LYS B 72 9.81 15.60 24.94
CA LYS B 72 10.43 15.42 26.24
C LYS B 72 11.17 14.10 26.19
N TYR B 73 12.51 14.14 26.35
CA TYR B 73 13.33 12.94 26.37
C TYR B 73 13.96 12.79 27.73
N PRO B 74 14.03 11.56 28.29
CA PRO B 74 14.84 11.37 29.49
C PRO B 74 16.32 11.57 29.14
N ALA B 75 17.14 11.96 30.13
CA ALA B 75 18.57 12.24 29.88
C ALA B 75 19.37 11.06 29.33
N ASP B 76 18.92 9.83 29.56
CA ASP B 76 19.65 8.65 29.10
C ASP B 76 19.25 8.17 27.69
N ILE B 77 18.49 8.97 26.94
CA ILE B 77 18.16 8.65 25.55
C ILE B 77 18.58 9.84 24.69
N PRO B 78 19.53 9.68 23.75
CA PRO B 78 19.90 10.80 22.86
C PRO B 78 18.72 11.38 22.11
N ASP B 79 18.66 12.71 22.01
CA ASP B 79 17.59 13.44 21.35
C ASP B 79 18.11 13.88 19.99
N TYR B 80 17.96 13.00 19.01
CA TYR B 80 18.42 13.25 17.64
C TYR B 80 17.91 14.58 17.07
N PHE B 81 16.67 14.93 17.38
CA PHE B 81 16.01 16.11 16.80
C PHE B 81 16.58 17.40 17.34
N LYS B 82 17.01 17.43 18.61
CA LYS B 82 17.65 18.63 19.16
C LYS B 82 19.14 18.62 18.79
N LEU B 83 19.79 17.44 18.79
CA LEU B 83 21.20 17.35 18.39
C LEU B 83 21.44 17.83 16.95
N ALA B 84 20.38 17.81 16.11
CA ALA B 84 20.45 18.29 14.74
C ALA B 84 20.66 19.82 14.67
N PHE B 85 20.35 20.56 15.75
CA PHE B 85 20.51 22.02 15.77
C PHE B 85 21.90 22.41 16.28
N PRO B 86 22.44 23.56 15.82
CA PRO B 86 21.79 24.61 14.99
C PRO B 86 21.66 24.36 13.49
N GLU B 87 22.29 23.32 12.94
CA GLU B 87 22.30 23.12 11.49
C GLU B 87 20.91 22.83 10.90
N GLY B 88 20.05 22.18 11.69
CA GLY B 88 18.68 21.92 11.31
C GLY B 88 18.41 20.51 10.86
N LEU B 89 17.16 20.25 10.50
CA LEU B 89 16.75 18.91 10.10
C LEU B 89 15.80 19.02 8.93
N THR B 90 15.88 18.07 7.99
CA THR B 90 14.93 18.01 6.89
C THR B 90 14.33 16.62 6.91
N TYR B 91 13.04 16.50 6.58
CA TYR B 91 12.43 15.18 6.54
C TYR B 91 11.46 15.04 5.41
N ASP B 92 11.29 13.80 4.95
CA ASP B 92 10.25 13.50 3.98
C ASP B 92 9.24 12.62 4.70
N ARG B 93 8.01 12.65 4.20
CA ARG B 93 6.91 11.97 4.85
C ARG B 93 5.94 11.44 3.85
N LYS B 94 5.50 10.20 4.04
CA LYS B 94 4.48 9.55 3.22
C LYS B 94 3.28 9.39 4.14
N ILE B 95 2.11 9.82 3.68
CA ILE B 95 0.88 9.80 4.47
C ILE B 95 -0.08 8.95 3.65
N ALA B 96 -0.59 7.86 4.22
CA ALA B 96 -1.47 6.98 3.46
C ALA B 96 -2.70 6.65 4.26
N PHE B 97 -3.87 7.08 3.79
CA PHE B 97 -5.14 6.79 4.47
C PHE B 97 -5.72 5.46 3.98
N GLU B 98 -6.48 4.79 4.84
CA GLU B 98 -7.04 3.49 4.46
C GLU B 98 -8.02 3.53 3.28
N ASP B 99 -8.55 4.72 2.95
CA ASP B 99 -9.49 4.83 1.82
C ASP B 99 -8.79 5.29 0.51
N GLY B 100 -7.46 5.28 0.48
CA GLY B 100 -6.71 5.59 -0.74
C GLY B 100 -6.19 7.01 -0.83
N GLY B 101 -6.67 7.92 0.03
CA GLY B 101 -6.14 9.28 0.08
C GLY B 101 -4.67 9.22 0.47
N CYS B 102 -3.82 10.04 -0.14
CA CYS B 102 -2.39 9.96 0.14
CA CYS B 102 -2.39 9.95 0.12
C CYS B 102 -1.73 11.30 0.00
N ALA B 103 -0.59 11.48 0.65
CA ALA B 103 0.16 12.69 0.49
C ALA B 103 1.63 12.42 0.72
N THR B 104 2.47 13.25 0.12
CA THR B 104 3.90 13.23 0.39
C THR B 104 4.27 14.65 0.75
N ALA B 105 5.11 14.82 1.78
CA ALA B 105 5.52 16.16 2.19
C ALA B 105 7.00 16.20 2.48
N THR B 106 7.61 17.36 2.28
CA THR B 106 9.00 17.57 2.63
C THR B 106 9.00 18.78 3.54
N VAL B 107 9.64 18.63 4.71
CA VAL B 107 9.71 19.69 5.70
C VAL B 107 11.15 20.04 5.99
N GLU B 108 11.45 21.33 6.10
N GLU B 108 11.45 21.34 6.10
CA GLU B 108 12.76 21.80 6.51
CA GLU B 108 12.78 21.85 6.44
C GLU B 108 12.55 22.56 7.81
C GLU B 108 12.67 22.65 7.73
N MET B 109 13.34 22.21 8.82
CA MET B 109 13.34 22.91 10.10
C MET B 109 14.71 23.57 10.22
N SER B 110 14.73 24.89 10.38
CA SER B 110 15.97 25.66 10.52
C SER B 110 15.87 26.57 11.75
N LEU B 111 17.00 27.15 12.15
CA LEU B 111 17.05 28.00 13.32
C LEU B 111 17.64 29.35 12.94
N LYS B 112 16.93 30.43 13.29
CA LYS B 112 17.35 31.82 13.06
C LYS B 112 17.18 32.55 14.37
N GLY B 113 18.27 32.64 15.14
CA GLY B 113 18.27 33.31 16.43
C GLY B 113 17.42 32.59 17.44
N ASN B 114 16.41 33.28 17.96
CA ASN B 114 15.52 32.70 18.93
C ASN B 114 14.30 32.02 18.23
N THR B 115 14.29 31.93 16.86
CA THR B 115 13.13 31.41 16.13
C THR B 115 13.43 30.16 15.31
N LEU B 116 12.59 29.14 15.49
CA LEU B 116 12.67 27.92 14.71
C LEU B 116 11.73 28.12 13.53
N VAL B 117 12.23 27.90 12.31
CA VAL B 117 11.51 28.15 11.08
C VAL B 117 11.16 26.81 10.43
N HIS B 118 9.88 26.61 10.13
CA HIS B 118 9.36 25.37 9.58
C HIS B 118 8.81 25.68 8.20
N LYS B 119 9.31 25.00 7.15
CA LYS B 119 8.87 25.23 5.77
C LYS B 119 8.46 23.91 5.18
N THR B 120 7.25 23.84 4.61
CA THR B 120 6.77 22.57 4.05
C THR B 120 6.19 22.71 2.66
N ASN B 121 6.37 21.66 1.85
N ASN B 121 6.33 21.63 1.85
CA ASN B 121 5.64 21.55 0.61
CA ASN B 121 5.71 21.48 0.54
C ASN B 121 4.86 20.25 0.81
C ASN B 121 4.88 20.20 0.66
N PHE B 122 3.53 20.33 0.68
CA PHE B 122 2.64 19.21 0.92
C PHE B 122 1.83 18.90 -0.33
N GLN B 123 2.00 17.71 -0.91
CA GLN B 123 1.23 17.33 -2.11
C GLN B 123 0.34 16.17 -1.76
N GLY B 124 -0.97 16.35 -1.89
CA GLY B 124 -1.95 15.33 -1.56
C GLY B 124 -2.84 15.03 -2.75
N GLY B 125 -3.26 13.79 -2.85
CA GLY B 125 -4.15 13.39 -3.94
C GLY B 125 -4.90 12.12 -3.67
N ASN B 126 -5.79 11.80 -4.60
CA ASN B 126 -6.58 10.58 -4.54
C ASN B 126 -7.50 10.52 -3.32
N PHE B 127 -7.88 11.69 -2.78
CA PHE B 127 -8.84 11.68 -1.68
C PHE B 127 -10.23 11.45 -2.28
N PRO B 128 -11.00 10.49 -1.77
CA PRO B 128 -12.33 10.26 -2.35
C PRO B 128 -13.23 11.48 -2.22
N ILE B 129 -13.97 11.82 -3.28
CA ILE B 129 -14.82 13.02 -3.25
C ILE B 129 -15.87 12.99 -2.15
N ASP B 130 -16.40 11.81 -1.81
N ASP B 130 -16.39 11.80 -1.82
CA ASP B 130 -17.41 11.68 -0.75
CA ASP B 130 -17.39 11.68 -0.75
C ASP B 130 -16.80 11.16 0.59
C ASP B 130 -16.80 11.20 0.59
N GLY B 131 -15.47 11.18 0.73
CA GLY B 131 -14.82 10.73 1.95
C GLY B 131 -14.80 11.82 3.01
N PRO B 132 -14.40 11.48 4.25
CA PRO B 132 -14.41 12.48 5.33
C PRO B 132 -13.45 13.64 5.13
N VAL B 133 -12.35 13.41 4.40
CA VAL B 133 -11.39 14.49 4.19
C VAL B 133 -12.01 15.56 3.26
N MET B 134 -12.50 15.16 2.07
CA MET B 134 -13.04 16.15 1.13
C MET B 134 -14.40 16.69 1.56
N GLN B 135 -15.14 15.96 2.40
CA GLN B 135 -16.41 16.45 2.91
C GLN B 135 -16.23 17.20 4.26
N LYS B 136 -14.98 17.31 4.77
CA LYS B 136 -14.69 18.03 6.00
C LYS B 136 -15.53 17.56 7.17
N ARG B 137 -15.55 16.24 7.38
CA ARG B 137 -16.28 15.61 8.47
C ARG B 137 -15.30 15.06 9.52
N THR B 138 -14.12 15.66 9.68
CA THR B 138 -13.13 15.15 10.64
C THR B 138 -13.16 15.96 11.93
N LEU B 139 -12.69 15.34 13.02
CA LEU B 139 -12.77 15.89 14.36
C LEU B 139 -11.46 15.74 15.15
N GLY B 140 -10.33 15.92 14.46
CA GLY B 140 -9.05 15.83 15.11
C GLY B 140 -8.51 14.41 15.15
N TRP B 141 -7.25 14.27 15.56
CA TRP B 141 -6.56 13.00 15.58
C TRP B 141 -6.52 12.38 16.96
N GLU B 142 -6.78 11.08 17.04
CA GLU B 142 -6.67 10.37 18.31
C GLU B 142 -5.14 10.28 18.68
N PRO B 143 -4.75 10.44 19.96
CA PRO B 143 -3.34 10.29 20.32
C PRO B 143 -2.78 8.93 19.94
N THR B 144 -1.47 8.88 19.67
CA THR B 144 -0.84 7.63 19.28
C THR B 144 0.66 7.64 19.69
N SER B 145 1.42 6.67 19.20
CA SER B 145 2.83 6.57 19.51
C SER B 145 3.58 6.34 18.20
N GLU B 146 4.60 7.16 17.95
CA GLU B 146 5.43 7.09 16.76
C GLU B 146 6.64 6.20 17.05
N LYS B 147 6.86 5.17 16.26
CA LYS B 147 8.03 4.32 16.42
C LYS B 147 9.21 5.08 15.81
N MET B 148 10.34 5.14 16.53
CA MET B 148 11.55 5.82 16.07
C MET B 148 12.64 4.76 15.93
N THR B 149 13.13 4.53 14.71
CA THR B 149 14.08 3.47 14.44
C THR B 149 15.33 4.06 13.81
N PRO B 150 16.48 4.06 14.50
CA PRO B 150 17.69 4.62 13.88
C PRO B 150 18.20 3.72 12.76
N CYS B 151 18.65 4.31 11.66
N CYS B 151 18.56 4.32 11.60
CA CYS B 151 19.14 3.54 10.54
CA CYS B 151 19.03 3.57 10.44
C CYS B 151 19.98 4.39 9.62
C CYS B 151 19.99 4.45 9.63
N ASP B 152 21.25 4.04 9.43
CA ASP B 152 22.16 4.78 8.54
C ASP B 152 22.20 6.32 8.73
N GLY B 153 22.24 6.76 9.98
CA GLY B 153 22.30 8.20 10.27
C GLY B 153 20.98 8.94 10.19
N ILE B 154 19.88 8.23 9.89
CA ILE B 154 18.57 8.86 9.88
C ILE B 154 17.70 8.19 10.95
N ILE B 155 16.61 8.84 11.30
CA ILE B 155 15.61 8.21 12.17
C ILE B 155 14.41 7.94 11.28
N LYS B 156 13.97 6.68 11.22
CA LYS B 156 12.75 6.34 10.52
C LYS B 156 11.64 6.47 11.54
N GLY B 157 10.61 7.24 11.23
CA GLY B 157 9.44 7.36 12.09
C GLY B 157 8.32 6.58 11.44
N ASP B 158 7.60 5.74 12.22
CA ASP B 158 6.51 4.94 11.66
C ASP B 158 5.35 5.02 12.62
N THR B 159 4.18 5.44 12.12
CA THR B 159 3.03 5.64 12.99
C THR B 159 1.75 5.21 12.33
N ILE B 160 0.85 4.69 13.15
CA ILE B 160 -0.52 4.44 12.74
C ILE B 160 -1.35 5.40 13.59
N MET B 161 -2.09 6.27 12.93
CA MET B 161 -2.84 7.33 13.60
C MET B 161 -4.25 7.33 13.06
N TYR B 162 -5.24 7.40 13.95
CA TYR B 162 -6.65 7.40 13.55
C TYR B 162 -7.20 8.82 13.58
N LEU B 163 -7.81 9.23 12.46
CA LEU B 163 -8.45 10.53 12.34
C LEU B 163 -9.93 10.33 12.74
N MET B 164 -10.43 11.13 13.69
N MET B 164 -10.42 11.10 13.74
CA MET B 164 -11.81 10.98 14.15
CA MET B 164 -11.82 10.95 14.17
C MET B 164 -12.75 11.57 13.13
C MET B 164 -12.75 11.55 13.13
N VAL B 165 -13.89 10.90 12.91
CA VAL B 165 -14.86 11.33 11.90
C VAL B 165 -16.23 11.47 12.56
N GLU B 166 -17.02 12.43 12.07
CA GLU B 166 -18.38 12.67 12.58
C GLU B 166 -19.21 11.40 12.59
N GLY B 167 -20.03 11.21 13.61
CA GLY B 167 -20.88 10.02 13.70
C GLY B 167 -20.23 8.83 14.36
N GLY B 168 -19.19 9.05 15.16
CA GLY B 168 -18.51 7.98 15.88
C GLY B 168 -17.67 7.08 15.00
N LYS B 169 -17.17 7.62 13.88
CA LYS B 169 -16.37 6.87 12.93
C LYS B 169 -14.89 7.28 13.02
N THR B 170 -14.02 6.53 12.33
CA THR B 170 -12.58 6.85 12.30
C THR B 170 -12.06 6.59 10.88
N LEU B 171 -10.90 7.13 10.58
CA LEU B 171 -10.24 6.88 9.31
C LEU B 171 -8.77 6.64 9.66
N LYS B 172 -8.30 5.42 9.41
CA LYS B 172 -6.92 5.05 9.75
C LYS B 172 -5.95 5.67 8.77
N CYS B 173 -4.77 6.06 9.28
CA CYS B 173 -3.72 6.66 8.49
C CYS B 173 -2.39 6.06 8.89
N ARG B 174 -1.50 5.85 7.93
CA ARG B 174 -0.15 5.41 8.21
C ARG B 174 0.79 6.52 7.80
N TYR B 175 1.77 6.83 8.66
CA TYR B 175 2.82 7.78 8.35
C TYR B 175 4.13 7.01 8.25
N GLU B 176 4.94 7.31 7.23
CA GLU B 176 6.30 6.75 7.12
C GLU B 176 7.17 8.00 6.94
N ASN B 177 8.00 8.29 7.95
CA ASN B 177 8.79 9.50 8.02
C ASN B 177 10.27 9.17 7.97
N ASN B 178 11.07 10.01 7.32
CA ASN B 178 12.52 9.82 7.29
C ASN B 178 13.11 11.14 7.74
N TYR B 179 13.60 11.18 8.99
CA TYR B 179 14.14 12.40 9.59
C TYR B 179 15.64 12.41 9.39
N ARG B 180 16.13 13.46 8.70
CA ARG B 180 17.53 13.52 8.29
C ARG B 180 18.27 14.73 8.81
N ALA B 181 19.16 14.51 9.77
CA ALA B 181 20.05 15.56 10.25
C ALA B 181 21.30 15.55 9.34
N ASN B 182 22.15 16.58 9.43
CA ASN B 182 23.39 16.60 8.63
C ASN B 182 24.54 15.88 9.35
N LYS B 183 25.03 14.78 8.78
CA LYS B 183 26.20 14.06 9.30
C LYS B 183 26.14 13.77 10.83
N PRO B 184 25.05 13.16 11.34
CA PRO B 184 24.99 12.90 12.80
C PRO B 184 26.08 11.92 13.21
N VAL B 185 26.57 12.06 14.43
CA VAL B 185 27.57 11.15 14.97
C VAL B 185 27.10 10.48 16.28
N LEU B 186 25.84 10.79 16.77
CA LEU B 186 25.21 10.14 17.90
C LEU B 186 23.78 9.79 17.58
N MET B 187 23.40 8.54 17.77
CA MET B 187 22.06 8.05 17.48
C MET B 187 21.48 7.40 18.72
N PRO B 188 20.16 7.56 18.91
CA PRO B 188 19.51 6.89 20.04
C PRO B 188 19.24 5.42 19.71
N PRO B 189 18.88 4.62 20.72
CA PRO B 189 18.36 3.29 20.42
C PRO B 189 16.95 3.44 19.82
N SER B 190 16.42 2.33 19.29
CA SER B 190 15.01 2.34 18.84
C SER B 190 14.10 2.66 20.04
N HIS B 191 13.10 3.51 19.83
CA HIS B 191 12.24 3.94 20.92
C HIS B 191 10.88 4.37 20.33
N PHE B 192 10.00 4.90 21.17
CA PHE B 192 8.69 5.40 20.75
C PHE B 192 8.50 6.80 21.28
N VAL B 193 7.68 7.59 20.59
CA VAL B 193 7.34 8.93 21.06
C VAL B 193 5.81 9.06 21.07
N ASP B 194 5.23 9.09 22.28
CA ASP B 194 3.79 9.26 22.45
C ASP B 194 3.44 10.70 22.19
N LEU B 195 2.30 10.97 21.50
CA LEU B 195 1.93 12.37 21.30
C LEU B 195 0.44 12.57 21.23
N ARG B 196 0.03 13.79 21.62
CA ARG B 196 -1.36 14.24 21.51
C ARG B 196 -1.30 15.57 20.80
N LEU B 197 -2.10 15.70 19.73
CA LEU B 197 -2.21 16.91 18.94
C LEU B 197 -3.66 17.37 19.05
N THR B 198 -3.87 18.61 19.54
CA THR B 198 -5.21 19.15 19.71
C THR B 198 -5.42 20.31 18.76
N ARG B 199 -6.55 20.32 18.05
CA ARG B 199 -6.92 21.40 17.14
C ARG B 199 -7.97 22.24 17.81
N THR B 200 -7.84 23.56 17.74
CA THR B 200 -8.86 24.47 18.22
C THR B 200 -9.23 25.34 17.04
N ASN B 201 -10.54 25.41 16.72
CA ASN B 201 -11.00 26.28 15.65
C ASN B 201 -11.00 27.70 16.18
N LEU B 202 -10.46 28.66 15.42
CA LEU B 202 -10.46 30.07 15.84
C LEU B 202 -11.54 30.90 15.15
N ASP B 203 -12.30 30.30 14.25
CA ASP B 203 -13.43 30.95 13.59
C ASP B 203 -14.46 29.86 13.19
N LYS B 204 -15.53 30.25 12.50
CA LYS B 204 -16.50 29.30 11.98
C LYS B 204 -16.23 28.94 10.50
N GLU B 205 -15.57 29.84 9.75
N GLU B 205 -15.59 29.86 9.71
CA GLU B 205 -15.33 29.68 8.32
CA GLU B 205 -15.40 29.66 8.26
C GLU B 205 -14.29 28.62 7.97
C GLU B 205 -14.14 28.83 7.85
N GLY B 206 -13.26 28.50 8.80
CA GLY B 206 -12.16 27.58 8.54
C GLY B 206 -10.92 28.23 7.96
N LEU B 207 -10.69 29.49 8.31
CA LEU B 207 -9.47 30.20 7.86
C LEU B 207 -8.43 30.30 8.97
N ALA B 208 -8.76 30.00 10.23
CA ALA B 208 -7.83 30.18 11.34
C ALA B 208 -7.99 29.05 12.33
N PHE B 209 -6.85 28.51 12.76
CA PHE B 209 -6.82 27.39 13.70
C PHE B 209 -5.67 27.54 14.65
N LYS B 210 -5.80 26.98 15.84
CA LYS B 210 -4.70 26.87 16.77
C LYS B 210 -4.42 25.37 16.92
N LEU B 211 -3.14 25.01 17.04
CA LEU B 211 -2.74 23.63 17.31
C LEU B 211 -1.86 23.62 18.55
N GLU B 212 -1.94 22.53 19.29
CA GLU B 212 -1.10 22.31 20.47
C GLU B 212 -0.66 20.88 20.44
N GLU B 213 0.56 20.62 20.89
CA GLU B 213 1.05 19.23 20.92
C GLU B 213 1.90 19.00 22.13
N TYR B 214 1.82 17.78 22.67
CA TYR B 214 2.67 17.31 23.76
C TYR B 214 3.23 15.99 23.25
N ALA B 215 4.56 15.83 23.31
CA ALA B 215 5.19 14.61 22.84
C ALA B 215 6.24 14.17 23.85
N VAL B 216 6.28 12.86 24.16
CA VAL B 216 7.19 12.33 25.16
C VAL B 216 7.77 10.97 24.72
N ALA B 217 9.11 10.83 24.80
CA ALA B 217 9.83 9.65 24.37
C ALA B 217 10.00 8.61 25.46
N ARG B 218 10.05 7.33 25.05
CA ARG B 218 10.34 6.24 25.98
C ARG B 218 10.90 5.07 25.22
N VAL B 219 11.57 4.21 25.95
CA VAL B 219 12.04 2.93 25.41
C VAL B 219 11.10 1.87 25.98
N LEU B 220 10.92 0.77 25.26
CA LEU B 220 10.08 -0.32 25.73
C LEU B 220 10.83 -1.06 26.85
N GLU B 221 10.06 -1.61 27.78
CA GLU B 221 10.54 -2.42 28.90
C GLU B 221 10.15 -3.88 28.63
N VAL B 222 10.63 -4.44 27.52
CA VAL B 222 10.42 -5.84 27.12
C VAL B 222 11.77 -6.45 26.75
N GLN C 6 -12.88 -16.72 36.05
CA GLN C 6 -11.68 -16.71 35.21
C GLN C 6 -11.59 -17.99 34.38
N ALA C 7 -11.70 -17.86 33.06
CA ALA C 7 -11.67 -19.00 32.12
C ALA C 7 -10.27 -19.60 31.93
N LEU C 8 -9.23 -18.76 32.11
CA LEU C 8 -7.85 -19.19 31.97
C LEU C 8 -7.16 -19.32 33.32
N ALA C 9 -6.42 -20.41 33.49
CA ALA C 9 -5.67 -20.65 34.70
C ALA C 9 -4.34 -19.83 34.70
N ASP C 10 -3.64 -19.76 35.84
CA ASP C 10 -2.37 -19.04 35.92
C ASP C 10 -1.31 -19.65 35.01
N THR C 11 -1.36 -20.96 34.77
CA THR C 11 -0.48 -21.65 33.83
C THR C 11 -1.38 -22.43 32.87
N MET C 12 -1.14 -22.30 31.56
CA MET C 12 -1.91 -22.99 30.55
C MET C 12 -0.99 -23.76 29.60
N LYS C 13 -1.53 -24.79 28.96
CA LYS C 13 -0.85 -25.50 27.89
C LYS C 13 -1.42 -24.98 26.57
N MET C 14 -0.63 -25.06 25.48
CA MET C 14 -1.10 -24.66 24.17
C MET C 14 -0.67 -25.62 23.11
N THR C 15 -1.46 -25.69 22.03
CA THR C 15 -1.09 -26.43 20.84
C THR C 15 -1.31 -25.52 19.64
N TRP C 16 -0.51 -25.74 18.59
CA TRP C 16 -0.61 -24.99 17.36
C TRP C 16 -0.67 -25.93 16.18
N LEU C 17 -1.48 -25.57 15.19
CA LEU C 17 -1.52 -26.22 13.89
C LEU C 17 -1.60 -25.08 12.88
N MET C 18 -0.58 -24.94 12.04
CA MET C 18 -0.58 -23.89 11.02
C MET C 18 -0.38 -24.57 9.68
N GLU C 19 -1.22 -24.24 8.70
CA GLU C 19 -1.11 -24.77 7.36
C GLU C 19 -1.09 -23.58 6.44
N GLY C 20 -0.36 -23.70 5.34
CA GLY C 20 -0.35 -22.60 4.39
C GLY C 20 0.58 -22.81 3.24
N SER C 21 0.82 -21.73 2.50
N SER C 21 0.84 -21.73 2.55
CA SER C 21 1.73 -21.73 1.37
CA SER C 21 1.74 -21.71 1.42
C SER C 21 2.41 -20.38 1.30
C SER C 21 2.45 -20.37 1.37
N VAL C 22 3.69 -20.35 0.88
CA VAL C 22 4.45 -19.11 0.69
C VAL C 22 5.10 -19.23 -0.67
N ASN C 23 4.81 -18.30 -1.59
CA ASN C 23 5.33 -18.35 -2.96
C ASN C 23 5.02 -19.72 -3.63
N GLY C 24 3.85 -20.26 -3.34
CA GLY C 24 3.41 -21.53 -3.89
C GLY C 24 3.89 -22.77 -3.16
N HIS C 25 4.74 -22.61 -2.14
CA HIS C 25 5.29 -23.74 -1.41
C HIS C 25 4.43 -24.07 -0.20
N ALA C 26 3.76 -25.24 -0.20
CA ALA C 26 2.89 -25.65 0.89
C ALA C 26 3.70 -26.13 2.09
N PHE C 27 3.18 -25.87 3.29
CA PHE C 27 3.83 -26.31 4.51
C PHE C 27 2.83 -26.48 5.64
N THR C 28 3.23 -27.25 6.65
CA THR C 28 2.46 -27.44 7.87
C THR C 28 3.44 -27.34 9.03
N ILE C 29 3.03 -26.62 10.09
CA ILE C 29 3.81 -26.49 11.31
C ILE C 29 2.91 -26.92 12.46
N GLU C 30 3.46 -27.72 13.39
CA GLU C 30 2.74 -28.14 14.59
C GLU C 30 3.57 -27.71 15.78
N GLY C 31 2.92 -27.34 16.86
CA GLY C 31 3.63 -26.91 18.05
C GLY C 31 2.91 -27.22 19.32
N GLU C 32 3.66 -27.23 20.43
N GLU C 32 3.66 -27.21 20.42
CA GLU C 32 3.13 -27.41 21.78
CA GLU C 32 3.13 -27.41 21.77
C GLU C 32 3.91 -26.47 22.70
C GLU C 32 3.90 -26.48 22.70
N GLY C 33 3.23 -25.93 23.69
CA GLY C 33 3.87 -25.01 24.62
C GLY C 33 3.15 -24.80 25.91
N THR C 34 3.66 -23.85 26.70
N THR C 34 3.66 -23.86 26.70
CA THR C 34 3.12 -23.49 28.00
CA THR C 34 3.11 -23.48 28.00
C THR C 34 3.29 -21.99 28.21
C THR C 34 3.20 -21.96 28.10
N GLY C 35 2.35 -21.40 28.93
CA GLY C 35 2.39 -19.96 29.19
C GLY C 35 1.66 -19.59 30.45
N LYS C 36 1.89 -18.34 30.86
CA LYS C 36 1.31 -17.74 32.03
C LYS C 36 0.52 -16.55 31.51
N PRO C 37 -0.79 -16.75 31.23
CA PRO C 37 -1.56 -15.68 30.58
C PRO C 37 -1.53 -14.31 31.25
N TYR C 38 -1.62 -14.29 32.59
CA TYR C 38 -1.67 -13.01 33.31
C TYR C 38 -0.30 -12.36 33.45
N GLU C 39 0.78 -13.14 33.37
CA GLU C 39 2.14 -12.57 33.40
C GLU C 39 2.58 -12.10 31.99
N GLY C 40 1.82 -12.43 30.95
CA GLY C 40 2.16 -12.07 29.57
C GLY C 40 3.30 -12.86 28.99
N LYS C 41 3.55 -14.09 29.49
CA LYS C 41 4.69 -14.89 29.04
C LYS C 41 4.24 -16.19 28.41
N GLN C 42 4.88 -16.58 27.32
CA GLN C 42 4.57 -17.84 26.67
C GLN C 42 5.79 -18.36 25.94
N SER C 43 5.83 -19.67 25.72
CA SER C 43 6.86 -20.31 24.91
C SER C 43 6.28 -21.54 24.23
N GLY C 44 6.90 -21.94 23.14
CA GLY C 44 6.48 -23.13 22.42
C GLY C 44 7.60 -23.72 21.60
N THR C 45 7.45 -25.01 21.31
CA THR C 45 8.39 -25.75 20.47
C THR C 45 7.58 -26.14 19.24
N PHE C 46 8.15 -25.89 18.07
CA PHE C 46 7.49 -26.07 16.77
C PHE C 46 8.28 -27.00 15.88
N ARG C 47 7.57 -27.75 15.04
CA ARG C 47 8.22 -28.62 14.07
C ARG C 47 7.52 -28.44 12.72
N VAL C 48 8.32 -28.41 11.66
CA VAL C 48 7.80 -28.28 10.30
C VAL C 48 7.46 -29.72 9.90
N THR C 49 6.19 -30.10 9.97
CA THR C 49 5.79 -31.48 9.70
C THR C 49 5.54 -31.81 8.22
N LYS C 50 5.31 -30.79 7.38
CA LYS C 50 5.16 -30.95 5.94
C LYS C 50 5.81 -29.76 5.25
N GLY C 51 6.49 -30.02 4.12
CA GLY C 51 7.13 -28.97 3.34
C GLY C 51 8.46 -28.46 3.86
N GLY C 52 9.05 -29.16 4.82
CA GLY C 52 10.33 -28.75 5.39
C GLY C 52 11.51 -29.48 4.74
N PRO C 53 12.73 -28.89 4.77
CA PRO C 53 13.07 -27.55 5.27
C PRO C 53 12.36 -26.49 4.44
N LEU C 54 11.88 -25.44 5.10
CA LEU C 54 11.14 -24.39 4.41
C LEU C 54 12.05 -23.63 3.44
N PRO C 55 11.58 -23.29 2.22
CA PRO C 55 12.39 -22.44 1.34
C PRO C 55 12.33 -20.94 1.71
N PHE C 56 11.64 -20.59 2.83
CA PHE C 56 11.51 -19.21 3.29
C PHE C 56 11.85 -19.15 4.79
N ALA C 57 12.13 -17.92 5.28
CA ALA C 57 12.45 -17.69 6.69
C ALA C 57 11.31 -18.05 7.62
N PHE C 58 11.55 -18.94 8.60
CA PHE C 58 10.54 -19.27 9.61
C PHE C 58 10.05 -17.99 10.34
N ASP C 59 10.91 -16.96 10.42
CA ASP C 59 10.52 -15.70 11.06
C ASP C 59 9.23 -15.11 10.51
N ILE C 60 8.89 -15.29 9.21
CA ILE C 60 7.68 -14.63 8.68
C ILE C 60 6.39 -15.19 9.28
N VAL C 61 6.41 -16.44 9.80
CA VAL C 61 5.21 -17.00 10.43
C VAL C 61 5.26 -16.90 11.95
N ALA C 62 6.45 -16.63 12.57
CA ALA C 62 6.57 -16.64 14.01
C ALA C 62 5.63 -15.66 14.74
N PRO C 63 5.45 -14.39 14.30
CA PRO C 63 4.49 -13.52 14.99
C PRO C 63 3.04 -13.96 14.81
N THR C 64 2.72 -14.84 13.83
CA THR C 64 1.36 -15.34 13.69
C THR C 64 1.16 -16.57 14.59
N LEU C 65 2.23 -17.29 14.94
CA LEU C 65 2.14 -18.33 15.95
C LEU C 65 1.98 -17.62 17.30
N PHE C 67 -0.75 -15.07 19.79
CA PHE C 67 -1.55 -15.80 20.80
C PHE C 67 -1.90 -14.75 21.85
N LYS C 68 -2.92 -13.95 21.54
CA LYS C 68 -3.18 -12.67 22.17
C LYS C 68 -3.66 -12.70 23.62
N CYS C 69 -4.07 -13.87 24.15
CA CYS C 69 -4.46 -13.94 25.56
C CYS C 69 -3.22 -13.99 26.50
N PHE C 70 -1.98 -13.98 25.96
CA PHE C 70 -0.77 -13.94 26.79
C PHE C 70 -0.25 -12.52 26.80
N MET C 71 -0.84 -11.69 27.67
CA MET C 71 -0.47 -10.29 27.85
C MET C 71 -0.65 -9.89 29.29
N LYS C 72 0.28 -9.09 29.78
CA LYS C 72 0.17 -8.57 31.14
C LYS C 72 -0.61 -7.26 31.03
N TYR C 73 -1.80 -7.19 31.66
CA TYR C 73 -2.62 -5.99 31.67
C TYR C 73 -2.73 -5.49 33.09
N PRO C 74 -2.68 -4.16 33.30
CA PRO C 74 -3.01 -3.65 34.64
C PRO C 74 -4.50 -3.88 34.91
N ALA C 75 -4.89 -3.97 36.20
CA ALA C 75 -6.27 -4.27 36.57
C ALA C 75 -7.30 -3.25 36.07
N ASP C 76 -6.88 -2.00 35.81
CA ASP C 76 -7.82 -0.96 35.37
C ASP C 76 -8.00 -0.89 33.84
N ILE C 77 -7.49 -1.88 33.07
CA ILE C 77 -7.69 -1.91 31.63
C ILE C 77 -8.33 -3.26 31.30
N PRO C 78 -9.57 -3.27 30.76
CA PRO C 78 -10.19 -4.55 30.38
C PRO C 78 -9.31 -5.34 29.37
N ASP C 79 -9.24 -6.66 29.56
CA ASP C 79 -8.41 -7.56 28.74
C ASP C 79 -9.31 -8.29 27.75
N TYR C 80 -9.52 -7.69 26.60
CA TYR C 80 -10.40 -8.21 25.54
C TYR C 80 -10.11 -9.69 25.20
N PHE C 81 -8.82 -9.99 25.11
CA PHE C 81 -8.36 -11.27 24.63
C PHE C 81 -8.62 -12.38 25.62
N LYS C 82 -8.56 -12.11 26.92
CA LYS C 82 -8.88 -13.12 27.93
C LYS C 82 -10.39 -13.15 28.15
N LEU C 83 -11.07 -11.99 28.12
CA LEU C 83 -12.53 -11.95 28.29
C LEU C 83 -13.25 -12.72 27.16
N ALA C 84 -12.59 -12.90 25.99
CA ALA C 84 -13.14 -13.67 24.89
C ALA C 84 -13.31 -15.16 25.23
N PHE C 85 -12.59 -15.67 26.26
CA PHE C 85 -12.69 -17.07 26.68
C PHE C 85 -13.78 -17.24 27.73
N PRO C 86 -14.47 -18.39 27.74
CA PRO C 86 -14.14 -19.63 27.00
C PRO C 86 -14.59 -19.74 25.55
N GLU C 87 -15.41 -18.83 25.04
CA GLU C 87 -15.98 -18.94 23.69
C GLU C 87 -14.94 -18.88 22.58
N GLY C 88 -13.86 -18.15 22.81
CA GLY C 88 -12.78 -18.07 21.84
C GLY C 88 -12.74 -16.77 21.07
N LEU C 89 -11.73 -16.66 20.24
CA LEU C 89 -11.49 -15.47 19.44
C LEU C 89 -10.92 -15.89 18.10
N THR C 90 -11.34 -15.21 17.03
CA THR C 90 -10.81 -15.47 15.69
C THR C 90 -10.31 -14.14 15.16
N TYR C 91 -9.20 -14.16 14.41
CA TYR C 91 -8.71 -12.91 13.83
C TYR C 91 -8.17 -13.08 12.45
N ASP C 92 -8.22 -11.99 11.68
CA ASP C 92 -7.61 -11.95 10.35
C ASP C 92 -6.43 -10.99 10.44
N ARG C 93 -5.46 -11.20 9.57
CA ARG C 93 -4.23 -10.44 9.63
C ARG C 93 -3.68 -10.23 8.25
N LYS C 94 -3.24 -8.98 7.97
CA LYS C 94 -2.58 -8.61 6.72
C LYS C 94 -1.16 -8.29 7.11
N ILE C 95 -0.20 -8.86 6.39
CA ILE C 95 1.23 -8.72 6.67
C ILE C 95 1.82 -8.14 5.40
N ALA C 96 2.47 -6.99 5.48
CA ALA C 96 3.00 -6.35 4.29
C ALA C 96 4.43 -5.90 4.52
N PHE C 97 5.38 -6.50 3.80
CA PHE C 97 6.78 -6.11 3.91
C PHE C 97 7.10 -4.97 2.94
N GLU C 98 8.09 -4.15 3.31
CA GLU C 98 8.43 -3.00 2.46
C GLU C 98 8.97 -3.37 1.08
N ASP C 99 9.39 -4.63 0.87
CA ASP C 99 9.89 -5.05 -0.44
C ASP C 99 8.80 -5.77 -1.28
N GLY C 100 7.54 -5.71 -0.87
CA GLY C 100 6.44 -6.28 -1.65
C GLY C 100 5.98 -7.64 -1.22
N GLY C 101 6.76 -8.35 -0.38
CA GLY C 101 6.32 -9.63 0.18
C GLY C 101 5.07 -9.39 1.02
N CYS C 102 4.08 -10.27 0.93
CA CYS C 102 2.83 -10.04 1.66
CA CYS C 102 2.81 -10.04 1.63
C CYS C 102 2.19 -11.35 2.06
N ALA C 103 1.37 -11.31 3.09
CA ALA C 103 0.64 -12.49 3.50
C ALA C 103 -0.65 -12.11 4.16
N THR C 104 -1.63 -13.02 4.11
CA THR C 104 -2.88 -12.86 4.83
C THR C 104 -3.06 -14.14 5.63
N ALA C 105 -3.48 -14.02 6.89
CA ALA C 105 -3.67 -15.20 7.72
C ALA C 105 -4.96 -15.09 8.51
N THR C 106 -5.56 -16.23 8.81
CA THR C 106 -6.74 -16.30 9.66
C THR C 106 -6.37 -17.25 10.78
N VAL C 107 -6.58 -16.81 12.02
CA VAL C 107 -6.26 -17.59 13.20
C VAL C 107 -7.49 -17.81 14.04
N GLU C 108 -7.72 -19.04 14.47
CA GLU C 108 -8.82 -19.37 15.35
C GLU C 108 -8.21 -19.81 16.65
N MET C 109 -8.53 -19.11 17.75
CA MET C 109 -8.08 -19.46 19.10
C MET C 109 -9.28 -20.01 19.86
N SER C 110 -9.14 -21.24 20.39
CA SER C 110 -10.21 -21.87 21.15
C SER C 110 -9.65 -22.46 22.45
N LEU C 111 -10.54 -22.87 23.35
CA LEU C 111 -10.14 -23.43 24.63
C LEU C 111 -10.80 -24.79 24.82
N LYS C 112 -10.01 -25.83 25.16
CA LYS C 112 -10.51 -27.17 25.44
C LYS C 112 -9.86 -27.57 26.76
N GLY C 113 -10.64 -27.61 27.85
CA GLY C 113 -10.11 -27.91 29.18
C GLY C 113 -9.13 -26.81 29.59
N ASN C 114 -7.86 -27.19 29.90
CA ASN C 114 -6.78 -26.24 30.18
C ASN C 114 -5.74 -26.17 29.05
N THR C 115 -6.20 -26.37 27.81
CA THR C 115 -5.37 -26.26 26.63
C THR C 115 -5.96 -25.23 25.67
N LEU C 116 -5.16 -24.24 25.31
CA LEU C 116 -5.57 -23.24 24.34
C LEU C 116 -5.09 -23.76 23.00
N VAL C 117 -6.01 -23.82 22.01
CA VAL C 117 -5.76 -24.40 20.71
C VAL C 117 -5.71 -23.27 19.68
N HIS C 118 -4.62 -23.23 18.92
CA HIS C 118 -4.37 -22.18 17.94
C HIS C 118 -4.30 -22.84 16.57
N LYS C 119 -5.19 -22.42 15.65
CA LYS C 119 -5.26 -22.99 14.29
C LYS C 119 -5.12 -21.86 13.29
N THR C 120 -4.21 -22.00 12.33
CA THR C 120 -3.99 -20.93 11.36
C THR C 120 -3.92 -21.41 9.93
N ASN C 121 -4.41 -20.58 9.02
N ASN C 121 -4.36 -20.54 9.00
CA ASN C 121 -4.16 -20.78 7.61
CA ASN C 121 -4.25 -20.72 7.55
C ASN C 121 -3.40 -19.52 7.22
C ASN C 121 -3.46 -19.51 7.08
N PHE C 122 -2.20 -19.69 6.66
CA PHE C 122 -1.31 -18.60 6.30
C PHE C 122 -0.99 -18.63 4.82
N GLN C 123 -1.38 -17.59 4.07
CA GLN C 123 -1.10 -17.54 2.63
C GLN C 123 -0.17 -16.39 2.34
N GLY C 124 1.01 -16.67 1.82
CA GLY C 124 2.01 -15.66 1.53
C GLY C 124 2.45 -15.69 0.08
N GLY C 125 2.76 -14.52 -0.45
CA GLY C 125 3.20 -14.45 -1.84
C GLY C 125 3.96 -13.21 -2.16
N ASN C 126 4.47 -13.16 -3.38
CA ASN C 126 5.20 -12.01 -3.87
C ASN C 126 6.48 -11.71 -3.10
N PHE C 127 7.07 -12.73 -2.44
CA PHE C 127 8.33 -12.52 -1.75
C PHE C 127 9.43 -12.51 -2.82
N PRO C 128 10.30 -11.48 -2.83
CA PRO C 128 11.35 -11.43 -3.85
C PRO C 128 12.29 -12.64 -3.76
N ILE C 129 12.62 -13.29 -4.90
CA ILE C 129 13.48 -14.48 -4.85
C ILE C 129 14.83 -14.22 -4.20
N ASP C 130 15.39 -13.00 -4.39
N ASP C 130 15.39 -13.01 -4.38
CA ASP C 130 16.70 -12.63 -3.81
CA ASP C 130 16.68 -12.66 -3.80
C ASP C 130 16.59 -11.81 -2.51
C ASP C 130 16.59 -11.81 -2.51
N GLY C 131 15.40 -11.72 -1.92
CA GLY C 131 15.17 -10.98 -0.70
C GLY C 131 15.59 -11.77 0.52
N PRO C 132 15.60 -11.13 1.70
CA PRO C 132 16.03 -11.85 2.91
C PRO C 132 15.13 -13.02 3.33
N VAL C 133 13.82 -12.94 3.03
CA VAL C 133 12.90 -14.01 3.41
C VAL C 133 13.18 -15.30 2.59
N MET C 134 13.21 -15.20 1.27
CA MET C 134 13.47 -16.36 0.42
C MET C 134 14.90 -16.86 0.48
N GLN C 135 15.85 -15.98 0.81
CA GLN C 135 17.25 -16.38 0.98
C GLN C 135 17.55 -16.81 2.43
N LYS C 136 16.54 -16.79 3.35
CA LYS C 136 16.71 -17.21 4.73
C LYS C 136 17.89 -16.53 5.41
N ARG C 137 17.92 -15.18 5.32
CA ARG C 137 18.97 -14.35 5.90
C ARG C 137 18.41 -13.50 7.05
N THR C 138 17.36 -13.98 7.76
CA THR C 138 16.74 -13.18 8.83
C THR C 138 17.23 -13.67 10.18
N LEU C 139 17.14 -12.77 11.16
CA LEU C 139 17.68 -12.97 12.48
C LEU C 139 16.70 -12.60 13.59
N GLY C 140 15.42 -12.83 13.35
CA GLY C 140 14.39 -12.54 14.34
C GLY C 140 13.88 -11.12 14.26
N TRP C 141 12.81 -10.84 15.01
CA TRP C 141 12.13 -9.55 14.99
C TRP C 141 12.56 -8.62 16.13
N GLU C 142 12.74 -7.34 15.80
CA GLU C 142 13.05 -6.35 16.82
C GLU C 142 11.77 -6.10 17.65
N PRO C 143 11.86 -5.91 18.99
CA PRO C 143 10.65 -5.61 19.76
C PRO C 143 9.94 -4.35 19.27
N THR C 144 8.63 -4.33 19.45
CA THR C 144 7.84 -3.17 19.02
C THR C 144 6.58 -3.03 19.91
N SER C 145 5.65 -2.15 19.50
CA SER C 145 4.43 -1.94 20.24
C SER C 145 3.27 -1.99 19.26
N GLU C 146 2.26 -2.82 19.59
CA GLU C 146 1.07 -2.99 18.77
C GLU C 146 0.01 -2.00 19.25
N LYS C 147 -0.53 -1.17 18.36
CA LYS C 147 -1.61 -0.27 18.72
C LYS C 147 -2.89 -1.09 18.76
N MET C 148 -3.70 -0.94 19.83
CA MET C 148 -4.95 -1.66 19.98
C MET C 148 -6.06 -0.62 20.00
N THR C 149 -6.95 -0.65 19.00
CA THR C 149 -7.99 0.36 18.84
C THR C 149 -9.35 -0.32 18.84
N PRO C 150 -10.19 -0.10 19.86
CA PRO C 150 -11.52 -0.74 19.85
C PRO C 150 -12.39 -0.11 18.78
N CYS C 151 -13.16 -0.94 18.09
CA CYS C 151 -14.05 -0.46 17.04
C CYS C 151 -15.26 -1.39 16.96
N ASP C 152 -16.46 -0.91 17.34
CA ASP C 152 -17.69 -1.71 17.25
C ASP C 152 -17.55 -3.20 17.70
N GLY C 153 -17.07 -3.42 18.91
CA GLY C 153 -16.96 -4.77 19.45
C GLY C 153 -15.74 -5.59 19.05
N ILE C 154 -14.90 -5.09 18.14
CA ILE C 154 -13.66 -5.78 17.78
C ILE C 154 -12.46 -4.91 18.21
N ILE C 155 -11.24 -5.48 18.16
CA ILE C 155 -10.03 -4.71 18.43
C ILE C 155 -9.23 -4.70 17.13
N LYS C 156 -8.89 -3.52 16.63
CA LYS C 156 -8.00 -3.42 15.49
C LYS C 156 -6.60 -3.34 16.06
N GLY C 157 -5.70 -4.21 15.59
CA GLY C 157 -4.30 -4.18 16.00
C GLY C 157 -3.50 -3.62 14.83
N ASP C 158 -2.59 -2.66 15.09
CA ASP C 158 -1.80 -2.07 14.01
C ASP C 158 -0.37 -1.95 14.49
N THR C 159 0.57 -2.54 13.73
CA THR C 159 1.96 -2.57 14.17
C THR C 159 2.92 -2.38 13.03
N ILE C 160 4.03 -1.71 13.32
CA ILE C 160 5.16 -1.63 12.43
C ILE C 160 6.27 -2.40 13.15
N MET C 161 6.78 -3.44 12.51
CA MET C 161 7.76 -4.33 13.12
C MET C 161 8.90 -4.53 12.16
N TYR C 162 10.14 -4.45 12.64
CA TYR C 162 11.32 -4.61 11.79
C TYR C 162 11.91 -6.01 11.97
N LEU C 163 12.15 -6.69 10.85
CA LEU C 163 12.75 -8.01 10.82
C LEU C 163 14.25 -7.81 10.64
N MET C 164 15.06 -8.39 11.52
N MET C 164 15.07 -8.34 11.55
CA MET C 164 16.51 -8.22 11.46
CA MET C 164 16.52 -8.19 11.46
C MET C 164 17.07 -9.07 10.34
C MET C 164 17.07 -9.05 10.34
N VAL C 165 18.04 -8.53 9.60
CA VAL C 165 18.63 -9.22 8.46
C VAL C 165 20.14 -9.28 8.66
N GLU C 166 20.77 -10.37 8.18
CA GLU C 166 22.23 -10.55 8.25
C GLU C 166 22.97 -9.34 7.68
N GLY C 167 24.07 -8.97 8.31
CA GLY C 167 24.86 -7.83 7.85
C GLY C 167 24.41 -6.49 8.39
N GLY C 168 23.70 -6.48 9.51
CA GLY C 168 23.26 -5.25 10.14
C GLY C 168 22.15 -4.53 9.41
N LYS C 169 21.34 -5.28 8.65
CA LYS C 169 20.25 -4.73 7.86
C LYS C 169 18.89 -5.03 8.53
N THR C 170 17.82 -4.41 8.03
CA THR C 170 16.47 -4.67 8.54
C THR C 170 15.49 -4.71 7.35
N LEU C 171 14.30 -5.26 7.59
CA LEU C 171 13.24 -5.28 6.60
C LEU C 171 11.97 -4.88 7.35
N LYS C 172 11.39 -3.73 7.00
CA LYS C 172 10.20 -3.23 7.69
C LYS C 172 8.96 -4.03 7.28
N CYS C 173 8.06 -4.23 8.23
CA CYS C 173 6.81 -4.95 8.00
C CYS C 173 5.68 -4.20 8.68
N ARG C 174 4.51 -4.20 8.06
CA ARG C 174 3.31 -3.63 8.67
C ARG C 174 2.33 -4.76 8.89
N TYR C 175 1.71 -4.80 10.07
CA TYR C 175 0.65 -5.76 10.39
C TYR C 175 -0.63 -4.98 10.58
N GLU C 176 -1.74 -5.48 10.01
CA GLU C 176 -3.08 -4.90 10.23
C GLU C 176 -3.91 -6.10 10.67
N ASN C 177 -4.32 -6.10 11.93
CA ASN C 177 -5.01 -7.23 12.57
C ASN C 177 -6.42 -6.85 12.95
N ASN C 178 -7.37 -7.78 12.85
CA ASN C 178 -8.75 -7.54 13.29
C ASN C 178 -9.10 -8.69 14.22
N TYR C 179 -9.10 -8.42 15.52
CA TYR C 179 -9.36 -9.43 16.55
C TYR C 179 -10.83 -9.42 16.90
N ARG C 180 -11.51 -10.56 16.68
CA ARG C 180 -12.95 -10.64 16.87
C ARG C 180 -13.33 -11.71 17.87
N ALA C 181 -13.77 -11.28 19.07
CA ALA C 181 -14.23 -12.24 20.07
C ALA C 181 -15.51 -12.92 19.56
N ASN C 182 -15.65 -14.21 19.84
CA ASN C 182 -16.83 -14.95 19.36
C ASN C 182 -18.13 -14.48 20.02
N LYS C 183 -18.04 -13.87 21.21
CA LYS C 183 -19.19 -13.37 21.97
C LYS C 183 -18.87 -11.92 22.41
N PRO C 184 -19.86 -10.98 22.49
CA PRO C 184 -19.51 -9.62 22.91
C PRO C 184 -18.88 -9.58 24.30
N VAL C 185 -17.89 -8.71 24.47
CA VAL C 185 -17.18 -8.56 25.74
C VAL C 185 -17.11 -7.07 26.07
N LEU C 186 -16.84 -6.78 27.32
CA LEU C 186 -16.59 -5.42 27.82
C LEU C 186 -15.35 -4.86 27.02
N MET C 187 -15.44 -3.64 26.50
CA MET C 187 -14.39 -3.09 25.66
C MET C 187 -13.38 -2.25 26.40
N PRO C 188 -12.08 -2.41 26.06
CA PRO C 188 -11.05 -1.54 26.65
C PRO C 188 -10.98 -0.20 25.93
N PRO C 189 -10.29 0.81 26.51
CA PRO C 189 -9.99 2.02 25.73
C PRO C 189 -8.85 1.70 24.74
N SER C 190 -8.56 2.64 23.82
CA SER C 190 -7.40 2.49 22.93
C SER C 190 -6.13 2.40 23.78
N HIS C 191 -5.22 1.50 23.42
CA HIS C 191 -4.00 1.32 24.20
C HIS C 191 -2.92 0.70 23.29
N PHE C 192 -1.79 0.35 23.87
CA PHE C 192 -0.68 -0.27 23.13
C PHE C 192 -0.25 -1.52 23.88
N VAL C 193 0.31 -2.49 23.16
CA VAL C 193 0.86 -3.69 23.78
C VAL C 193 2.29 -3.88 23.29
N ASP C 194 3.26 -3.64 24.18
CA ASP C 194 4.68 -3.81 23.87
C ASP C 194 4.99 -5.29 23.85
N LEU C 195 5.83 -5.75 22.91
CA LEU C 195 6.18 -7.19 22.93
C LEU C 195 7.55 -7.47 22.40
N ARG C 196 8.13 -8.58 22.88
CA ARG C 196 9.39 -9.11 22.41
C ARG C 196 9.16 -10.57 22.08
N LEU C 197 9.52 -10.97 20.87
CA LEU C 197 9.40 -12.34 20.39
C LEU C 197 10.80 -12.82 20.07
N THR C 198 11.24 -13.92 20.69
CA THR C 198 12.59 -14.46 20.49
C THR C 198 12.51 -15.84 19.85
N ARG C 199 13.31 -16.06 18.80
CA ARG C 199 13.37 -17.34 18.11
C ARG C 199 14.68 -18.03 18.48
N THR C 200 14.61 -19.35 18.72
CA THR C 200 15.78 -20.19 18.97
C THR C 200 15.70 -21.34 17.98
N ASN C 201 16.78 -21.60 17.24
CA ASN C 201 16.83 -22.74 16.34
C ASN C 201 17.11 -23.99 17.15
N LEU C 202 16.36 -25.07 16.94
CA LEU C 202 16.56 -26.33 17.69
C LEU C 202 17.31 -27.41 16.91
N ASP C 203 17.58 -27.20 15.62
CA ASP C 203 18.34 -28.15 14.81
C ASP C 203 19.09 -27.38 13.71
N LYS C 204 19.95 -28.05 12.95
CA LYS C 204 20.70 -27.41 11.86
C LYS C 204 19.95 -27.50 10.53
N GLU C 205 19.00 -28.46 10.37
CA GLU C 205 18.20 -28.60 9.15
C GLU C 205 17.10 -27.53 8.94
N GLY C 206 16.60 -26.92 10.01
CA GLY C 206 15.51 -25.95 9.95
C GLY C 206 14.12 -26.58 10.03
N LEU C 207 14.03 -27.71 10.73
CA LEU C 207 12.75 -28.40 10.93
C LEU C 207 12.17 -28.15 12.33
N ALA C 208 12.96 -27.58 13.29
CA ALA C 208 12.54 -27.43 14.68
C ALA C 208 12.95 -26.06 15.22
N PHE C 209 12.02 -25.38 15.90
CA PHE C 209 12.26 -24.04 16.41
C PHE C 209 11.57 -23.85 17.75
N LYS C 210 12.11 -22.99 18.60
CA LYS C 210 11.44 -22.59 19.82
C LYS C 210 11.17 -21.08 19.71
N LEU C 211 10.01 -20.65 20.21
CA LEU C 211 9.65 -19.25 20.27
C LEU C 211 9.29 -18.93 21.71
N GLU C 212 9.56 -17.68 22.11
CA GLU C 212 9.21 -17.16 23.43
C GLU C 212 8.71 -15.76 23.24
N GLU C 213 7.71 -15.35 24.01
CA GLU C 213 7.20 -13.99 23.90
C GLU C 213 6.82 -13.44 25.25
N TYR C 214 7.02 -12.13 25.42
CA TYR C 214 6.59 -11.38 26.58
C TYR C 214 5.82 -10.20 26.01
N ALA C 215 4.60 -9.96 26.49
CA ALA C 215 3.77 -8.86 25.99
C ALA C 215 3.14 -8.14 27.18
N VAL C 216 3.15 -6.80 27.15
CA VAL C 216 2.63 -5.99 28.26
C VAL C 216 1.88 -4.76 27.74
N ALA C 217 0.68 -4.54 28.25
CA ALA C 217 -0.15 -3.44 27.84
C ALA C 217 0.18 -2.13 28.53
N ARG C 218 -0.11 -0.99 27.86
CA ARG C 218 0.11 0.35 28.39
C ARG C 218 -0.92 1.31 27.77
N VAL C 219 -1.52 2.28 28.55
CA VAL C 219 -2.29 3.38 27.95
C VAL C 219 -1.27 4.53 27.89
N LEU C 220 -1.43 5.43 26.92
CA LEU C 220 -0.54 6.57 26.80
C LEU C 220 -0.90 7.60 27.89
N GLU C 221 0.11 8.31 28.36
CA GLU C 221 0.01 9.39 29.34
C GLU C 221 0.32 10.71 28.59
N VAL C 222 -0.52 11.04 27.61
CA VAL C 222 -0.41 12.29 26.83
C VAL C 222 -1.79 12.95 26.78
N LEU D 8 -3.33 -29.79 -24.20
CA LEU D 8 -4.73 -29.51 -23.93
C LEU D 8 -5.57 -29.72 -25.17
N ALA D 9 -6.74 -30.35 -25.04
CA ALA D 9 -7.63 -30.57 -26.18
C ALA D 9 -8.40 -29.26 -26.51
N ASP D 10 -9.08 -29.21 -27.68
CA ASP D 10 -9.86 -28.03 -28.07
C ASP D 10 -10.99 -27.74 -27.08
N THR D 11 -11.55 -28.77 -26.45
CA THR D 11 -12.56 -28.63 -25.41
C THR D 11 -12.06 -29.41 -24.19
N MET D 12 -12.12 -28.80 -23.00
CA MET D 12 -11.70 -29.42 -21.76
C MET D 12 -12.77 -29.29 -20.69
N LYS D 13 -12.80 -30.24 -19.74
CA LYS D 13 -13.65 -30.16 -18.55
C LYS D 13 -12.79 -29.59 -17.43
N MET D 14 -13.42 -28.94 -16.44
CA MET D 14 -12.70 -28.41 -15.29
C MET D 14 -13.45 -28.65 -14.01
N THR D 15 -12.72 -28.72 -12.90
CA THR D 15 -13.30 -28.78 -11.56
C THR D 15 -12.56 -27.76 -10.71
N TRP D 16 -13.28 -27.22 -9.73
CA TRP D 16 -12.72 -26.26 -8.78
C TRP D 16 -13.01 -26.70 -7.37
N LEU D 17 -12.05 -26.48 -6.48
CA LEU D 17 -12.23 -26.63 -5.05
C LEU D 17 -11.53 -25.43 -4.44
N MET D 18 -12.27 -24.57 -3.75
CA MET D 18 -11.69 -23.39 -3.11
C MET D 18 -12.08 -23.44 -1.66
N GLU D 19 -11.10 -23.27 -0.77
CA GLU D 19 -11.35 -23.24 0.66
C GLU D 19 -10.71 -21.97 1.17
N GLY D 20 -11.30 -21.38 2.18
CA GLY D 20 -10.71 -20.18 2.74
C GLY D 20 -11.53 -19.54 3.82
N SER D 21 -11.15 -18.31 4.17
N SER D 21 -11.18 -18.31 4.12
CA SER D 21 -11.85 -17.51 5.17
CA SER D 21 -11.86 -17.52 5.11
C SER D 21 -11.80 -16.06 4.76
C SER D 21 -11.82 -16.06 4.68
N VAL D 22 -12.86 -15.30 5.04
CA VAL D 22 -12.92 -13.85 4.77
C VAL D 22 -13.42 -13.22 6.05
N ASN D 23 -12.64 -12.29 6.65
CA ASN D 23 -13.01 -11.66 7.91
C ASN D 23 -13.34 -12.71 8.99
N GLY D 24 -12.59 -13.82 8.98
CA GLY D 24 -12.76 -14.91 9.94
C GLY D 24 -13.84 -15.91 9.61
N HIS D 25 -14.60 -15.69 8.52
CA HIS D 25 -15.68 -16.60 8.13
C HIS D 25 -15.18 -17.66 7.16
N ALA D 26 -15.17 -18.93 7.60
CA ALA D 26 -14.71 -20.03 6.75
C ALA D 26 -15.73 -20.41 5.70
N PHE D 27 -15.26 -20.81 4.53
CA PHE D 27 -16.15 -21.25 3.46
C PHE D 27 -15.46 -22.22 2.52
N THR D 28 -16.27 -22.98 1.76
CA THR D 28 -15.79 -23.85 0.71
C THR D 28 -16.69 -23.65 -0.49
N ILE D 29 -16.08 -23.59 -1.68
CA ILE D 29 -16.80 -23.48 -2.94
C ILE D 29 -16.32 -24.63 -3.83
N GLU D 30 -17.26 -25.32 -4.50
CA GLU D 30 -16.94 -26.38 -5.45
C GLU D 30 -17.55 -25.98 -6.77
N GLY D 31 -16.87 -26.32 -7.86
CA GLY D 31 -17.39 -26.00 -9.18
C GLY D 31 -17.02 -27.00 -10.22
N GLU D 32 -17.76 -26.98 -11.33
CA GLU D 32 -17.50 -27.82 -12.51
C GLU D 32 -17.82 -26.98 -13.73
N GLY D 33 -17.07 -27.21 -14.79
CA GLY D 33 -17.28 -26.45 -16.00
C GLY D 33 -16.64 -27.03 -17.23
N THR D 34 -16.70 -26.25 -18.32
N THR D 34 -16.72 -26.26 -18.33
CA THR D 34 -16.15 -26.62 -19.62
CA THR D 34 -16.14 -26.60 -19.61
C THR D 34 -15.60 -25.37 -20.29
C THR D 34 -15.50 -25.35 -20.19
N GLY D 35 -14.57 -25.55 -21.09
CA GLY D 35 -13.93 -24.44 -21.78
C GLY D 35 -13.20 -24.86 -23.02
N LYS D 36 -12.82 -23.87 -23.80
CA LYS D 36 -12.11 -24.01 -25.05
C LYS D 36 -10.81 -23.25 -24.87
N PRO D 37 -9.74 -23.95 -24.44
CA PRO D 37 -8.50 -23.25 -24.09
C PRO D 37 -7.93 -22.31 -25.16
N TYR D 38 -7.94 -22.75 -26.43
CA TYR D 38 -7.35 -21.94 -27.50
C TYR D 38 -8.24 -20.80 -27.94
N GLU D 39 -9.56 -20.90 -27.73
CA GLU D 39 -10.47 -19.80 -28.03
C GLU D 39 -10.52 -18.75 -26.88
N GLY D 40 -9.95 -19.07 -25.72
CA GLY D 40 -9.94 -18.19 -24.56
C GLY D 40 -11.27 -18.11 -23.84
N LYS D 41 -12.10 -19.15 -23.97
CA LYS D 41 -13.45 -19.12 -23.37
C LYS D 41 -13.61 -20.21 -22.36
N GLN D 42 -14.30 -19.91 -21.26
CA GLN D 42 -14.57 -20.89 -20.22
C GLN D 42 -15.81 -20.50 -19.46
N SER D 43 -16.47 -21.49 -18.87
CA SER D 43 -17.59 -21.24 -17.99
C SER D 43 -17.64 -22.32 -16.93
N GLY D 44 -18.31 -22.01 -15.83
CA GLY D 44 -18.46 -22.96 -14.75
C GLY D 44 -19.64 -22.64 -13.89
N THR D 45 -20.10 -23.64 -13.16
CA THR D 45 -21.18 -23.51 -12.18
C THR D 45 -20.53 -23.75 -10.82
N PHE D 46 -20.83 -22.89 -9.85
CA PHE D 46 -20.20 -22.90 -8.53
C PHE D 46 -21.24 -22.97 -7.43
N ARG D 47 -20.94 -23.76 -6.39
N ARG D 47 -20.95 -23.77 -6.39
CA ARG D 47 -21.82 -23.91 -5.24
CA ARG D 47 -21.84 -23.95 -5.25
C ARG D 47 -21.05 -23.65 -3.98
C ARG D 47 -21.06 -23.69 -3.97
N VAL D 48 -21.68 -22.97 -3.02
CA VAL D 48 -21.05 -22.70 -1.74
C VAL D 48 -21.43 -23.90 -0.90
N THR D 49 -20.51 -24.88 -0.74
CA THR D 49 -20.81 -26.12 -0.04
C THR D 49 -20.63 -26.06 1.47
N LYS D 50 -19.86 -25.09 1.98
CA LYS D 50 -19.68 -24.86 3.41
C LYS D 50 -19.62 -23.36 3.67
N GLY D 51 -20.23 -22.90 4.75
CA GLY D 51 -20.21 -21.49 5.12
C GLY D 51 -21.18 -20.59 4.38
N GLY D 52 -22.11 -21.17 3.62
CA GLY D 52 -23.08 -20.37 2.86
C GLY D 52 -24.39 -20.20 3.61
N PRO D 53 -25.17 -19.14 3.32
CA PRO D 53 -24.85 -18.01 2.42
C PRO D 53 -23.65 -17.24 2.97
N LEU D 54 -22.79 -16.78 2.07
CA LEU D 54 -21.57 -16.08 2.49
C LEU D 54 -21.93 -14.72 3.08
N PRO D 55 -21.23 -14.25 4.13
CA PRO D 55 -21.45 -12.88 4.61
C PRO D 55 -20.72 -11.82 3.75
N PHE D 56 -20.04 -12.24 2.65
CA PHE D 56 -19.32 -11.34 1.78
C PHE D 56 -19.70 -11.59 0.30
N ALA D 57 -19.43 -10.61 -0.54
CA ALA D 57 -19.74 -10.69 -1.95
C ALA D 57 -18.96 -11.82 -2.62
N PHE D 58 -19.66 -12.76 -3.28
CA PHE D 58 -19.00 -13.83 -4.04
C PHE D 58 -18.04 -13.24 -5.11
N ASP D 59 -18.34 -12.03 -5.61
CA ASP D 59 -17.45 -11.40 -6.59
C ASP D 59 -15.99 -11.32 -6.16
N ILE D 60 -15.68 -11.24 -4.83
CA ILE D 60 -14.25 -11.11 -4.46
C ILE D 60 -13.45 -12.38 -4.74
N VAL D 61 -14.10 -13.55 -4.85
CA VAL D 61 -13.36 -14.79 -5.17
C VAL D 61 -13.48 -15.15 -6.65
N ALA D 62 -14.44 -14.55 -7.41
CA ALA D 62 -14.69 -14.95 -8.79
C ALA D 62 -13.45 -14.83 -9.71
N PRO D 63 -12.65 -13.74 -9.66
CA PRO D 63 -11.45 -13.70 -10.53
C PRO D 63 -10.38 -14.70 -10.11
N THR D 64 -10.44 -15.26 -8.88
CA THR D 64 -9.49 -16.28 -8.47
C THR D 64 -9.98 -17.68 -8.92
N LEU D 65 -11.29 -17.87 -9.13
CA LEU D 65 -11.79 -19.08 -9.75
C LEU D 65 -11.43 -18.99 -11.25
N PHE D 67 -8.01 -19.02 -14.17
CA PHE D 67 -7.74 -20.32 -14.82
C PHE D 67 -7.01 -19.95 -16.11
N LYS D 68 -5.72 -19.68 -15.98
CA LYS D 68 -4.93 -18.96 -16.97
C LYS D 68 -4.66 -19.67 -18.28
N CYS D 69 -4.89 -20.97 -18.38
CA CYS D 69 -4.70 -21.67 -19.65
C CYS D 69 -5.89 -21.42 -20.63
N PHE D 70 -6.92 -20.63 -20.24
CA PHE D 70 -8.03 -20.27 -21.14
C PHE D 70 -7.80 -18.84 -21.64
N MET D 71 -6.96 -18.73 -22.66
CA MET D 71 -6.64 -17.44 -23.28
C MET D 71 -6.41 -17.65 -24.75
N LYS D 72 -6.87 -16.70 -25.56
CA LYS D 72 -6.63 -16.75 -27.00
C LYS D 72 -5.31 -16.01 -27.24
N TYR D 73 -4.29 -16.71 -27.76
CA TYR D 73 -3.00 -16.13 -28.07
C TYR D 73 -2.77 -16.21 -29.57
N PRO D 74 -2.21 -15.18 -30.20
CA PRO D 74 -1.77 -15.34 -31.60
C PRO D 74 -0.61 -16.32 -31.65
N ALA D 75 -0.42 -16.99 -32.80
CA ALA D 75 0.62 -18.01 -32.95
C ALA D 75 2.06 -17.51 -32.71
N ASP D 76 2.31 -16.20 -32.89
CA ASP D 76 3.66 -15.66 -32.71
C ASP D 76 3.97 -15.21 -31.27
N ILE D 77 3.11 -15.53 -30.28
CA ILE D 77 3.39 -15.19 -28.89
C ILE D 77 3.33 -16.50 -28.10
N PRO D 78 4.44 -16.93 -27.48
CA PRO D 78 4.36 -18.14 -26.64
C PRO D 78 3.32 -18.06 -25.54
N ASP D 79 2.58 -19.16 -25.33
CA ASP D 79 1.52 -19.24 -24.35
C ASP D 79 2.06 -19.98 -23.13
N TYR D 80 2.65 -19.23 -22.20
CA TYR D 80 3.27 -19.78 -20.99
C TYR D 80 2.32 -20.71 -20.21
N PHE D 81 1.05 -20.32 -20.14
CA PHE D 81 0.06 -21.01 -19.33
C PHE D 81 -0.31 -22.36 -19.91
N LYS D 82 -0.33 -22.51 -21.24
CA LYS D 82 -0.59 -23.82 -21.85
C LYS D 82 0.71 -24.62 -21.91
N LEU D 83 1.85 -23.98 -22.18
CA LEU D 83 3.14 -24.69 -22.20
C LEU D 83 3.47 -25.32 -20.85
N ALA D 84 2.88 -24.80 -19.75
CA ALA D 84 3.06 -25.36 -18.41
C ALA D 84 2.44 -26.76 -18.28
N PHE D 85 1.50 -27.14 -19.16
CA PHE D 85 0.88 -28.46 -19.11
C PHE D 85 1.64 -29.48 -19.96
N PRO D 86 1.62 -30.77 -19.57
CA PRO D 86 0.81 -31.40 -18.51
C PRO D 86 1.27 -31.24 -17.06
N GLU D 87 2.48 -30.72 -16.82
CA GLU D 87 3.02 -30.67 -15.46
C GLU D 87 2.23 -29.76 -14.51
N GLY D 88 1.63 -28.71 -15.07
CA GLY D 88 0.76 -27.79 -14.33
C GLY D 88 1.42 -26.50 -13.95
N LEU D 89 0.69 -25.68 -13.21
CA LEU D 89 1.15 -24.36 -12.82
C LEU D 89 0.58 -24.01 -11.47
N THR D 90 1.37 -23.32 -10.64
CA THR D 90 0.92 -22.85 -9.33
C THR D 90 1.17 -21.36 -9.28
N TYR D 91 0.24 -20.61 -8.65
CA TYR D 91 0.46 -19.17 -8.55
C TYR D 91 0.03 -18.62 -7.23
N ASP D 92 0.66 -17.51 -6.84
CA ASP D 92 0.26 -16.78 -5.64
C ASP D 92 -0.32 -15.45 -6.12
N ARG D 93 -1.20 -14.89 -5.32
CA ARG D 93 -1.92 -13.69 -5.71
C ARG D 93 -2.18 -12.81 -4.52
N LYS D 94 -1.95 -11.51 -4.67
CA LYS D 94 -2.23 -10.50 -3.66
C LYS D 94 -3.37 -9.67 -4.24
N ILE D 95 -4.42 -9.46 -3.46
CA ILE D 95 -5.61 -8.74 -3.88
C ILE D 95 -5.75 -7.59 -2.90
N ALA D 96 -5.78 -6.35 -3.40
CA ALA D 96 -5.84 -5.20 -2.51
C ALA D 96 -6.89 -4.23 -2.98
N PHE D 97 -7.95 -4.04 -2.20
CA PHE D 97 -9.01 -3.07 -2.53
C PHE D 97 -8.66 -1.69 -2.01
N GLU D 98 -9.16 -0.65 -2.69
CA GLU D 98 -8.85 0.73 -2.27
C GLU D 98 -9.37 1.10 -0.90
N ASP D 99 -10.33 0.33 -0.35
CA ASP D 99 -10.85 0.63 0.99
C ASP D 99 -10.17 -0.21 2.11
N GLY D 100 -9.08 -0.89 1.80
CA GLY D 100 -8.33 -1.64 2.81
C GLY D 100 -8.60 -3.11 2.87
N GLY D 101 -9.69 -3.59 2.23
CA GLY D 101 -9.96 -5.02 2.13
C GLY D 101 -8.83 -5.68 1.37
N CYS D 102 -8.37 -6.85 1.80
CA CYS D 102 -7.24 -7.50 1.15
CA CYS D 102 -7.23 -7.50 1.17
C CYS D 102 -7.35 -8.99 1.23
N ALA D 103 -6.69 -9.68 0.31
CA ALA D 103 -6.65 -11.13 0.35
C ALA D 103 -5.39 -11.64 -0.29
N THR D 104 -4.97 -12.84 0.11
CA THR D 104 -3.87 -13.53 -0.52
C THR D 104 -4.39 -14.91 -0.85
N ALA D 105 -4.06 -15.41 -2.05
CA ALA D 105 -4.53 -16.74 -2.46
C ALA D 105 -3.41 -17.51 -3.12
N THR D 106 -3.47 -18.83 -3.01
CA THR D 106 -2.53 -19.72 -3.70
C THR D 106 -3.41 -20.66 -4.49
N VAL D 107 -3.12 -20.78 -5.79
CA VAL D 107 -3.88 -21.63 -6.68
C VAL D 107 -2.97 -22.66 -7.30
N GLU D 108 -3.40 -23.92 -7.32
CA GLU D 108 -2.67 -25.00 -7.96
C GLU D 108 -3.54 -25.48 -9.12
N MET D 109 -3.01 -25.42 -10.34
CA MET D 109 -3.71 -25.90 -11.53
C MET D 109 -2.99 -27.19 -11.98
N SER D 110 -3.75 -28.28 -12.13
CA SER D 110 -3.19 -29.56 -12.54
C SER D 110 -4.06 -30.20 -13.63
N LEU D 111 -3.53 -31.23 -14.29
CA LEU D 111 -4.24 -31.91 -15.35
C LEU D 111 -4.33 -33.38 -15.00
N LYS D 112 -5.54 -33.94 -15.07
CA LYS D 112 -5.80 -35.36 -14.84
C LYS D 112 -6.75 -35.79 -15.95
N GLY D 113 -6.20 -36.41 -16.99
CA GLY D 113 -6.93 -36.89 -18.16
C GLY D 113 -7.50 -35.76 -18.98
N ASN D 114 -8.81 -35.77 -19.18
CA ASN D 114 -9.48 -34.73 -19.94
C ASN D 114 -9.94 -33.56 -19.00
N THR D 115 -9.55 -33.58 -17.69
CA THR D 115 -10.01 -32.59 -16.71
C THR D 115 -8.89 -31.74 -16.11
N LEU D 116 -9.07 -30.43 -16.16
CA LEU D 116 -8.16 -29.47 -15.53
C LEU D 116 -8.71 -29.24 -14.12
N VAL D 117 -7.87 -29.41 -13.11
CA VAL D 117 -8.25 -29.34 -11.71
C VAL D 117 -7.66 -28.07 -11.10
N HIS D 118 -8.51 -27.27 -10.48
CA HIS D 118 -8.13 -25.97 -9.90
C HIS D 118 -8.39 -26.05 -8.40
N LYS D 119 -7.33 -25.85 -7.58
CA LYS D 119 -7.44 -25.93 -6.13
C LYS D 119 -6.94 -24.62 -5.54
N THR D 120 -7.71 -23.99 -4.66
CA THR D 120 -7.31 -22.71 -4.09
C THR D 120 -7.48 -22.64 -2.60
N ASN D 121 -6.58 -21.90 -1.95
N ASN D 121 -6.60 -21.84 -1.94
CA ASN D 121 -6.78 -21.51 -0.57
CA ASN D 121 -6.67 -21.49 -0.53
C ASN D 121 -6.81 -19.98 -0.66
C ASN D 121 -6.72 -19.97 -0.52
N PHE D 122 -7.88 -19.38 -0.17
CA PHE D 122 -8.10 -17.94 -0.24
C PHE D 122 -8.28 -17.36 1.14
N GLN D 123 -7.37 -16.46 1.57
CA GLN D 123 -7.48 -15.85 2.89
C GLN D 123 -7.70 -14.36 2.72
N GLY D 124 -8.83 -13.86 3.21
CA GLY D 124 -9.20 -12.45 3.09
C GLY D 124 -9.47 -11.81 4.43
N GLY D 125 -9.14 -10.54 4.54
CA GLY D 125 -9.39 -9.84 5.80
C GLY D 125 -9.43 -8.34 5.65
N ASN D 126 -9.76 -7.69 6.76
CA ASN D 126 -9.79 -6.24 6.80
C ASN D 126 -10.83 -5.63 5.87
N PHE D 127 -11.87 -6.39 5.51
CA PHE D 127 -12.94 -5.82 4.71
C PHE D 127 -13.81 -4.95 5.62
N PRO D 128 -14.06 -3.68 5.25
CA PRO D 128 -14.88 -2.84 6.13
C PRO D 128 -16.29 -3.40 6.31
N ILE D 129 -16.80 -3.40 7.56
CA ILE D 129 -18.13 -3.97 7.82
C ILE D 129 -19.24 -3.31 7.02
N ASP D 130 -19.14 -2.00 6.77
N ASP D 130 -19.13 -2.01 6.76
CA ASP D 130 -20.14 -1.24 6.00
CA ASP D 130 -20.14 -1.28 5.99
C ASP D 130 -19.74 -1.04 4.52
C ASP D 130 -19.75 -1.05 4.52
N GLY D 131 -18.71 -1.73 4.04
CA GLY D 131 -18.26 -1.59 2.67
C GLY D 131 -19.11 -2.44 1.73
N PRO D 132 -18.93 -2.25 0.41
CA PRO D 132 -19.75 -3.02 -0.55
C PRO D 132 -19.54 -4.52 -0.51
N VAL D 133 -18.33 -4.99 -0.12
CA VAL D 133 -18.07 -6.42 -0.08
C VAL D 133 -18.86 -7.08 1.07
N MET D 134 -18.74 -6.58 2.30
CA MET D 134 -19.45 -7.20 3.44
C MET D 134 -20.95 -6.92 3.43
N GLN D 135 -21.40 -5.86 2.77
CA GLN D 135 -22.83 -5.57 2.63
C GLN D 135 -23.41 -6.24 1.37
N LYS D 136 -22.58 -6.98 0.58
CA LYS D 136 -23.06 -7.71 -0.60
C LYS D 136 -23.84 -6.80 -1.55
N ARG D 137 -23.23 -5.64 -1.88
CA ARG D 137 -23.78 -4.61 -2.75
C ARG D 137 -22.98 -4.56 -4.08
N THR D 138 -22.36 -5.67 -4.51
CA THR D 138 -21.54 -5.64 -5.73
C THR D 138 -22.30 -6.23 -6.91
N LEU D 139 -21.85 -5.87 -8.12
CA LEU D 139 -22.53 -6.22 -9.35
C LEU D 139 -21.58 -6.72 -10.44
N GLY D 140 -20.50 -7.39 -10.05
CA GLY D 140 -19.58 -7.97 -11.02
C GLY D 140 -18.45 -7.03 -11.38
N TRP D 141 -17.45 -7.57 -12.06
CA TRP D 141 -16.25 -6.82 -12.39
C TRP D 141 -16.26 -6.22 -13.78
N GLU D 142 -15.79 -4.98 -13.89
CA GLU D 142 -15.68 -4.34 -15.19
C GLU D 142 -14.50 -4.99 -15.94
N PRO D 143 -14.60 -5.18 -17.28
CA PRO D 143 -13.45 -5.76 -18.02
C PRO D 143 -12.19 -4.91 -17.87
N THR D 144 -11.04 -5.58 -17.95
CA THR D 144 -9.76 -4.88 -17.85
C THR D 144 -8.67 -5.63 -18.63
N SER D 145 -7.41 -5.25 -18.44
CA SER D 145 -6.29 -5.87 -19.11
C SER D 145 -5.23 -6.16 -18.07
N GLU D 146 -4.76 -7.42 -18.03
CA GLU D 146 -3.73 -7.88 -17.12
C GLU D 146 -2.37 -7.72 -17.79
N LYS D 147 -1.44 -7.02 -17.15
CA LYS D 147 -0.09 -6.91 -17.69
C LYS D 147 0.63 -8.21 -17.37
N MET D 148 1.32 -8.80 -18.36
CA MET D 148 2.07 -10.05 -18.18
C MET D 148 3.54 -9.72 -18.44
N THR D 149 4.38 -9.86 -17.40
CA THR D 149 5.78 -9.48 -17.49
C THR D 149 6.65 -10.68 -17.16
N PRO D 150 7.40 -11.22 -18.12
CA PRO D 150 8.25 -12.38 -17.81
C PRO D 150 9.42 -11.96 -16.93
N CYS D 151 9.74 -12.79 -15.93
CA CYS D 151 10.83 -12.50 -15.03
C CYS D 151 11.44 -13.81 -14.55
N ASP D 152 12.68 -14.13 -14.96
CA ASP D 152 13.39 -15.34 -14.51
C ASP D 152 12.52 -16.63 -14.49
N GLY D 153 11.90 -16.95 -15.61
CA GLY D 153 11.11 -18.18 -15.71
C GLY D 153 9.70 -18.13 -15.18
N ILE D 154 9.27 -17.03 -14.55
CA ILE D 154 7.88 -16.90 -14.08
C ILE D 154 7.22 -15.75 -14.84
N ILE D 155 5.89 -15.63 -14.74
CA ILE D 155 5.17 -14.49 -15.34
C ILE D 155 4.58 -13.71 -14.18
N LYS D 156 4.90 -12.41 -14.10
CA LYS D 156 4.26 -11.54 -13.12
C LYS D 156 3.03 -10.99 -13.80
N GLY D 157 1.87 -11.12 -13.17
CA GLY D 157 0.62 -10.55 -13.67
C GLY D 157 0.29 -9.34 -12.81
N ASP D 158 -0.08 -8.21 -13.43
CA ASP D 158 -0.39 -7.01 -12.66
C ASP D 158 -1.64 -6.38 -13.26
N THR D 159 -2.66 -6.18 -12.43
CA THR D 159 -3.93 -5.67 -12.96
C THR D 159 -4.59 -4.71 -12.02
N ILE D 160 -5.26 -3.72 -12.59
CA ILE D 160 -6.14 -2.84 -11.87
C ILE D 160 -7.53 -3.17 -12.40
N MET D 161 -8.44 -3.58 -11.50
CA MET D 161 -9.76 -4.04 -11.88
C MET D 161 -10.79 -3.35 -11.00
N TYR D 162 -11.88 -2.86 -11.59
CA TYR D 162 -12.92 -2.16 -10.83
C TYR D 162 -14.12 -3.09 -10.62
N LEU D 163 -14.57 -3.18 -9.37
CA LEU D 163 -15.73 -3.97 -8.99
C LEU D 163 -16.91 -3.03 -8.98
N MET D 164 -17.97 -3.40 -9.68
N MET D 164 -17.96 -3.37 -9.73
CA MET D 164 -19.14 -2.54 -9.80
CA MET D 164 -19.14 -2.51 -9.82
C MET D 164 -19.95 -2.62 -8.53
C MET D 164 -19.94 -2.61 -8.52
N VAL D 165 -20.50 -1.48 -8.08
CA VAL D 165 -21.24 -1.41 -6.83
C VAL D 165 -22.60 -0.81 -7.11
N GLU D 166 -23.62 -1.25 -6.36
CA GLU D 166 -25.00 -0.73 -6.49
C GLU D 166 -25.03 0.78 -6.40
N GLY D 167 -25.87 1.42 -7.21
CA GLY D 167 -25.98 2.87 -7.20
C GLY D 167 -25.01 3.60 -8.11
N GLY D 168 -24.47 2.91 -9.10
CA GLY D 168 -23.55 3.51 -10.06
C GLY D 168 -22.17 3.81 -9.50
N LYS D 169 -21.76 3.06 -8.49
CA LYS D 169 -20.47 3.25 -7.84
C LYS D 169 -19.48 2.14 -8.24
N THR D 170 -18.20 2.29 -7.88
CA THR D 170 -17.18 1.28 -8.17
C THR D 170 -16.25 1.14 -6.94
N LEU D 171 -15.49 0.07 -6.90
CA LEU D 171 -14.48 -0.16 -5.88
C LEU D 171 -13.24 -0.67 -6.61
N LYS D 172 -12.16 0.10 -6.58
CA LYS D 172 -10.94 -0.26 -7.29
C LYS D 172 -10.22 -1.38 -6.56
N CYS D 173 -9.57 -2.28 -7.33
CA CYS D 173 -8.81 -3.39 -6.78
C CYS D 173 -7.53 -3.55 -7.56
N ARG D 174 -6.44 -3.90 -6.87
CA ARG D 174 -5.18 -4.19 -7.53
C ARG D 174 -4.88 -5.66 -7.30
N TYR D 175 -4.46 -6.36 -8.36
CA TYR D 175 -4.01 -7.74 -8.27
C TYR D 175 -2.54 -7.77 -8.60
N GLU D 176 -1.75 -8.54 -7.81
CA GLU D 176 -0.32 -8.78 -8.09
C GLU D 176 -0.21 -10.30 -8.06
N ASN D 177 0.05 -10.89 -9.22
CA ASN D 177 0.07 -12.33 -9.42
C ASN D 177 1.45 -12.81 -9.79
N ASN D 178 1.83 -14.00 -9.33
CA ASN D 178 3.11 -14.61 -9.70
C ASN D 178 2.81 -16.01 -10.19
N TYR D 179 2.82 -16.20 -11.52
CA TYR D 179 2.49 -17.47 -12.15
C TYR D 179 3.74 -18.28 -12.35
N ARG D 180 3.80 -19.46 -11.75
CA ARG D 180 5.00 -20.28 -11.77
C ARG D 180 4.75 -21.66 -12.36
N ALA D 181 5.23 -21.89 -13.59
CA ALA D 181 5.10 -23.19 -14.22
C ALA D 181 5.92 -24.21 -13.42
N ASN D 182 5.38 -25.43 -13.29
CA ASN D 182 6.06 -26.47 -12.49
C ASN D 182 7.37 -26.93 -13.14
N LYS D 183 7.51 -26.78 -14.46
CA LYS D 183 8.70 -27.14 -15.22
C LYS D 183 9.07 -25.96 -16.13
N PRO D 184 10.37 -25.64 -16.36
CA PRO D 184 10.69 -24.48 -17.21
C PRO D 184 10.08 -24.57 -18.60
N VAL D 185 9.59 -23.44 -19.12
CA VAL D 185 9.02 -23.34 -20.44
C VAL D 185 9.61 -22.12 -21.18
N LEU D 186 9.55 -22.18 -22.51
CA LEU D 186 9.88 -21.07 -23.46
C LEU D 186 9.10 -19.82 -22.97
N MET D 187 9.75 -18.67 -22.89
CA MET D 187 9.11 -17.47 -22.33
C MET D 187 8.57 -16.52 -23.37
N PRO D 188 7.39 -15.91 -23.13
CA PRO D 188 6.88 -14.90 -24.05
C PRO D 188 7.54 -13.55 -23.77
N PRO D 189 7.39 -12.59 -24.70
CA PRO D 189 7.76 -11.21 -24.36
C PRO D 189 6.70 -10.62 -23.42
N SER D 190 6.97 -9.42 -22.85
CA SER D 190 5.96 -8.71 -22.06
C SER D 190 4.73 -8.44 -22.94
N HIS D 191 3.54 -8.64 -22.39
CA HIS D 191 2.32 -8.46 -23.17
C HIS D 191 1.16 -8.16 -22.21
N PHE D 192 -0.06 -8.09 -22.74
CA PHE D 192 -1.26 -7.85 -21.95
C PHE D 192 -2.29 -8.90 -22.29
N VAL D 193 -3.19 -9.20 -21.35
CA VAL D 193 -4.29 -10.12 -21.61
C VAL D 193 -5.59 -9.43 -21.20
N ASP D 194 -6.41 -9.07 -22.20
CA ASP D 194 -7.71 -8.43 -21.98
C ASP D 194 -8.68 -9.50 -21.53
N LEU D 195 -9.55 -9.18 -20.55
CA LEU D 195 -10.55 -10.19 -20.16
C LEU D 195 -11.84 -9.59 -19.67
N ARG D 196 -12.91 -10.38 -19.84
CA ARG D 196 -14.24 -10.06 -19.33
C ARG D 196 -14.70 -11.26 -18.55
N LEU D 197 -15.12 -11.04 -17.30
CA LEU D 197 -15.63 -12.07 -16.41
C LEU D 197 -17.05 -11.70 -16.07
N THR D 198 -18.02 -12.56 -16.37
CA THR D 198 -19.44 -12.28 -16.11
C THR D 198 -19.98 -13.24 -15.08
N ARG D 199 -20.68 -12.70 -14.06
CA ARG D 199 -21.30 -13.50 -13.02
C ARG D 199 -22.80 -13.50 -13.24
N THR D 200 -23.43 -14.66 -13.04
CA THR D 200 -24.89 -14.82 -13.11
C THR D 200 -25.33 -15.57 -11.86
N ASN D 201 -26.29 -15.02 -11.13
CA ASN D 201 -26.81 -15.67 -9.93
C ASN D 201 -27.70 -16.83 -10.33
N LEU D 202 -27.53 -18.00 -9.72
CA LEU D 202 -28.36 -19.17 -10.03
C LEU D 202 -29.45 -19.45 -8.98
N ASP D 203 -29.49 -18.66 -7.90
CA ASP D 203 -30.50 -18.78 -6.87
C ASP D 203 -30.73 -17.42 -6.20
N LYS D 204 -31.65 -17.35 -5.23
CA LYS D 204 -31.92 -16.13 -4.50
C LYS D 204 -31.15 -16.05 -3.17
N GLU D 205 -30.69 -17.18 -2.63
CA GLU D 205 -30.01 -17.23 -1.34
C GLU D 205 -28.50 -16.93 -1.41
N GLY D 206 -27.89 -17.05 -2.58
CA GLY D 206 -26.46 -16.82 -2.72
C GLY D 206 -25.61 -18.06 -2.51
N LEU D 207 -26.17 -19.23 -2.83
CA LEU D 207 -25.44 -20.50 -2.72
C LEU D 207 -24.94 -21.03 -4.06
N ALA D 208 -25.39 -20.46 -5.20
CA ALA D 208 -25.02 -21.00 -6.51
C ALA D 208 -24.86 -19.88 -7.49
N PHE D 209 -23.81 -19.97 -8.31
CA PHE D 209 -23.45 -18.93 -9.27
C PHE D 209 -22.89 -19.55 -10.53
N LYS D 210 -23.01 -18.85 -11.64
CA LYS D 210 -22.37 -19.22 -12.88
C LYS D 210 -21.35 -18.11 -13.18
N LEU D 211 -20.18 -18.50 -13.70
CA LEU D 211 -19.18 -17.56 -14.15
C LEU D 211 -18.82 -17.93 -15.59
N GLU D 212 -18.48 -16.91 -16.38
CA GLU D 212 -17.97 -17.10 -17.73
C GLU D 212 -16.89 -16.09 -17.97
N GLU D 213 -15.88 -16.49 -18.74
CA GLU D 213 -14.78 -15.58 -19.02
C GLU D 213 -14.30 -15.74 -20.44
N TYR D 214 -13.88 -14.62 -21.02
CA TYR D 214 -13.23 -14.57 -22.34
C TYR D 214 -11.94 -13.78 -22.10
N ALA D 215 -10.81 -14.33 -22.52
CA ALA D 215 -9.51 -13.67 -22.33
C ALA D 215 -8.72 -13.76 -23.61
N VAL D 216 -8.10 -12.65 -24.02
CA VAL D 216 -7.35 -12.60 -25.29
C VAL D 216 -6.08 -11.74 -25.12
N ALA D 217 -4.95 -12.29 -25.58
CA ALA D 217 -3.66 -11.65 -25.46
C ALA D 217 -3.43 -10.58 -26.55
N ARG D 218 -2.53 -9.62 -26.27
CA ARG D 218 -2.12 -8.58 -27.21
C ARG D 218 -0.71 -8.07 -26.81
N VAL D 219 0.24 -7.84 -27.80
CA VAL D 219 1.50 -7.12 -27.51
C VAL D 219 1.18 -5.67 -27.90
N LEU D 220 1.82 -4.70 -27.24
CA LEU D 220 1.60 -3.29 -27.56
C LEU D 220 2.31 -2.96 -28.88
N GLU D 221 1.71 -2.04 -29.63
CA GLU D 221 2.22 -1.49 -30.88
C GLU D 221 2.62 -0.02 -30.61
N VAL D 222 3.59 0.17 -29.72
CA VAL D 222 4.14 1.49 -29.38
C VAL D 222 5.66 1.42 -29.45
#